data_5BPK
#
_entry.id   5BPK
#
_cell.length_a   53.777
_cell.length_b   112.006
_cell.length_c   91.854
_cell.angle_alpha   90.000
_cell.angle_beta   90.790
_cell.angle_gamma   90.000
#
_symmetry.space_group_name_H-M   'P 1 21 1'
#
loop_
_entity.id
_entity.type
_entity.pdbx_description
1 polymer 'Gamma-glutamyltranspeptidase (Ggt)'
2 polymer 'Gamma-glutamyltranspeptidase (Ggt)'
3 non-polymer 1,2-ETHANEDIOL
4 non-polymer '(2S)-amino[(5S)-4,5-dihydro-1,2-oxazol-5-yl]acetic acid'
5 water water
#
loop_
_entity_poly.entity_id
_entity_poly.type
_entity_poly.pdbx_seq_one_letter_code
_entity_poly.pdbx_strand_id
1 'polypeptide(L)'
;MRRSFLKTIGLGVIALFLGLLNPLSAASYPPIKNTKVGLALSSHPLASEIGQKVLEEGGNAIDAAVAIGFALAVVHPAAG
NIGGGGFAVIHLANGENVALDFREKAPLKATKNMFLDKQGNVVPKLSEDGYLAAGVPGTVAGMEAMLKKYGTKKLSQLID
PAIKLAENGYAISQRQAETLKEARERFLKYSSSKKYFFKKGHLDYQEGDLFVQKDLAKTLNQIKTLGAKGFYQGQVAELI
EKDMKKNGGIITKEDLASYNVKWRKPVVGSYRGYKIISMSPPSSGGTHLIQILNVMENADLSALGYGASKNIHIAAEAMR
QAYADRSVYMGDADFVSVPVDKLINKAYAKKIFDTIQPDTVTPSSQIKPGMGQLHEGSN
;
A,B
2 'polypeptide(L)'
;TTHYSVADRWGNAVSVTYTINASYGSAASIDGAGFLLNNEMDDFSIKPGNPNLYGLVGGDANAIEANKRPLSSMSPTIVL
KNNKVFLVVGSPGGSRIITTVLQVISNVIDYNMNISEAVSAPRFHMQWLPDELRIEKFGMPADVKDNLTKMGYQIVTKPV
MGDVNAIQVLPKTKGSVFYGSTDPRKEFGTGSKLAAAQLYTRASQPELAPEDPEDLEHHHHHHHH
;
C,D
#
# COMPACT_ATOMS: atom_id res chain seq x y z
N ALA A 27 -4.18 -1.44 6.35
CA ALA A 27 -4.61 -0.21 5.61
C ALA A 27 -3.97 -0.20 4.22
N SER A 28 -4.65 0.44 3.27
CA SER A 28 -4.21 0.51 1.87
C SER A 28 -4.06 1.96 1.47
N TYR A 29 -3.16 2.22 0.53
CA TYR A 29 -3.00 3.57 0.02
C TYR A 29 -4.28 3.98 -0.71
N PRO A 30 -4.57 5.29 -0.75
CA PRO A 30 -5.79 5.72 -1.39
C PRO A 30 -5.76 5.44 -2.89
N PRO A 31 -6.93 5.20 -3.47
CA PRO A 31 -6.99 5.11 -4.93
C PRO A 31 -6.48 6.37 -5.64
N ILE A 32 -5.95 6.17 -6.84
CA ILE A 32 -5.71 7.23 -7.80
C ILE A 32 -7.09 7.81 -8.11
N LYS A 33 -7.16 9.13 -8.31
CA LYS A 33 -8.43 9.82 -8.56
C LYS A 33 -8.35 10.72 -9.79
N ASN A 34 -9.38 10.66 -10.63
CA ASN A 34 -9.56 11.61 -11.72
C ASN A 34 -11.02 12.01 -11.82
N THR A 35 -11.27 13.29 -12.06
CA THR A 35 -12.65 13.79 -12.15
C THR A 35 -12.94 14.49 -13.48
N LYS A 36 -12.05 14.32 -14.47
CA LYS A 36 -12.12 15.08 -15.73
C LYS A 36 -12.16 14.22 -17.00
N VAL A 37 -11.10 13.44 -17.23
CA VAL A 37 -10.94 12.70 -18.48
C VAL A 37 -10.90 11.17 -18.31
N GLY A 38 -10.89 10.69 -17.09
CA GLY A 38 -10.83 9.25 -16.84
C GLY A 38 -9.44 8.80 -16.43
N LEU A 39 -9.21 7.49 -16.53
CA LEU A 39 -7.93 6.88 -16.14
C LEU A 39 -7.49 5.85 -17.16
N ALA A 40 -6.17 5.77 -17.33
CA ALA A 40 -5.52 4.75 -18.15
C ALA A 40 -4.42 4.14 -17.29
N LEU A 41 -4.61 2.92 -16.83
CA LEU A 41 -3.69 2.30 -15.88
C LEU A 41 -3.06 1.02 -16.41
N SER A 42 -1.74 0.97 -16.33
CA SER A 42 -0.96 -0.19 -16.73
C SER A 42 0.10 -0.47 -15.66
N SER A 43 0.85 -1.55 -15.86
CA SER A 43 1.91 -1.94 -14.95
C SER A 43 3.25 -1.19 -15.16
N HIS A 44 3.31 -0.27 -16.12
CA HIS A 44 4.52 0.53 -16.28
C HIS A 44 4.16 2.02 -16.33
N PRO A 45 4.73 2.81 -15.40
CA PRO A 45 4.36 4.22 -15.34
C PRO A 45 4.56 4.99 -16.64
N LEU A 46 5.56 4.65 -17.44
CA LEU A 46 5.73 5.35 -18.73
C LEU A 46 4.56 5.07 -19.69
N ALA A 47 4.08 3.83 -19.69
CA ALA A 47 2.94 3.48 -20.53
C ALA A 47 1.65 4.09 -20.01
N SER A 48 1.46 4.10 -18.69
CA SER A 48 0.28 4.71 -18.10
C SER A 48 0.22 6.20 -18.43
N GLU A 49 1.37 6.86 -18.32
CA GLU A 49 1.49 8.29 -18.62
C GLU A 49 1.12 8.56 -20.07
N ILE A 50 1.55 7.69 -20.98
CA ILE A 50 1.23 7.83 -22.40
C ILE A 50 -0.29 7.70 -22.61
N GLY A 51 -0.89 6.67 -22.01
CA GLY A 51 -2.35 6.48 -22.10
C GLY A 51 -3.12 7.64 -21.50
N GLN A 52 -2.66 8.12 -20.36
CA GLN A 52 -3.33 9.23 -19.67
C GLN A 52 -3.26 10.52 -20.50
N LYS A 53 -2.12 10.77 -21.14
CA LYS A 53 -1.95 11.93 -22.01
C LYS A 53 -2.91 11.85 -23.20
N VAL A 54 -3.13 10.65 -23.75
CA VAL A 54 -4.13 10.49 -24.82
C VAL A 54 -5.52 10.94 -24.36
N LEU A 55 -5.94 10.52 -23.15
CA LEU A 55 -7.19 11.00 -22.58
C LEU A 55 -7.20 12.52 -22.38
N GLU A 56 -6.10 13.07 -21.85
CA GLU A 56 -5.98 14.51 -21.64
C GLU A 56 -6.12 15.27 -22.96
N GLU A 57 -5.67 14.64 -24.04
CA GLU A 57 -5.68 15.28 -25.35
C GLU A 57 -6.96 14.99 -26.14
N GLY A 58 -7.99 14.47 -25.47
CA GLY A 58 -9.30 14.26 -26.07
C GLY A 58 -9.55 12.93 -26.75
N GLY A 59 -8.61 12.00 -26.63
CA GLY A 59 -8.80 10.66 -27.17
C GLY A 59 -9.79 9.91 -26.30
N ASN A 60 -10.39 8.86 -26.87
CA ASN A 60 -11.29 8.00 -26.09
C ASN A 60 -10.52 6.80 -25.50
N ALA A 61 -11.25 5.95 -24.78
CA ALA A 61 -10.61 4.83 -24.07
C ALA A 61 -9.88 3.88 -25.03
N ILE A 62 -10.39 3.73 -26.25
CA ILE A 62 -9.77 2.86 -27.23
C ILE A 62 -8.45 3.46 -27.72
N ASP A 63 -8.47 4.75 -28.07
CA ASP A 63 -7.25 5.45 -28.45
C ASP A 63 -6.15 5.24 -27.39
N ALA A 64 -6.51 5.45 -26.12
CA ALA A 64 -5.56 5.31 -25.02
C ALA A 64 -5.07 3.87 -24.91
N ALA A 65 -5.99 2.91 -25.06
CA ALA A 65 -5.64 1.50 -24.98
C ALA A 65 -4.65 1.09 -26.07
N VAL A 66 -4.83 1.63 -27.28
CA VAL A 66 -3.92 1.36 -28.38
C VAL A 66 -2.52 1.95 -28.11
N ALA A 67 -2.47 3.18 -27.63
CA ALA A 67 -1.20 3.81 -27.27
C ALA A 67 -0.45 2.99 -26.21
N ILE A 68 -1.19 2.52 -25.20
CA ILE A 68 -0.61 1.69 -24.14
C ILE A 68 -0.10 0.35 -24.65
N GLY A 69 -0.87 -0.32 -25.51
CA GLY A 69 -0.45 -1.59 -26.09
C GLY A 69 0.90 -1.49 -26.78
N PHE A 70 1.10 -0.44 -27.57
CA PHE A 70 2.41 -0.27 -28.21
C PHE A 70 3.52 0.19 -27.25
N ALA A 71 3.19 1.09 -26.31
CA ALA A 71 4.19 1.55 -25.32
C ALA A 71 4.71 0.39 -24.47
N LEU A 72 3.83 -0.47 -23.99
CA LEU A 72 4.26 -1.61 -23.19
C LEU A 72 5.13 -2.60 -23.98
N ALA A 73 4.92 -2.67 -25.30
CA ALA A 73 5.76 -3.49 -26.16
C ALA A 73 7.24 -3.06 -26.15
N VAL A 74 7.48 -1.81 -25.76
CA VAL A 74 8.82 -1.25 -25.69
C VAL A 74 9.35 -1.24 -24.24
N VAL A 75 8.54 -0.76 -23.29
CA VAL A 75 9.02 -0.53 -21.92
C VAL A 75 8.82 -1.71 -20.97
N HIS A 76 8.06 -2.71 -21.41
CA HIS A 76 7.79 -3.89 -20.57
C HIS A 76 7.91 -5.17 -21.39
N PRO A 77 9.10 -5.41 -22.00
CA PRO A 77 9.25 -6.52 -22.96
C PRO A 77 9.11 -7.93 -22.38
N ALA A 78 9.12 -8.06 -21.06
CA ALA A 78 8.80 -9.35 -20.45
C ALA A 78 7.37 -9.80 -20.74
N ALA A 79 6.47 -8.85 -21.00
CA ALA A 79 5.03 -9.14 -21.05
C ALA A 79 4.34 -8.35 -22.14
N GLY A 80 4.51 -7.02 -22.10
CA GLY A 80 4.12 -6.16 -23.21
C GLY A 80 4.84 -6.60 -24.47
N ASN A 81 4.18 -6.46 -25.61
CA ASN A 81 4.66 -7.14 -26.83
C ASN A 81 4.01 -6.67 -28.11
N ILE A 82 4.71 -6.94 -29.21
CA ILE A 82 4.08 -7.12 -30.52
C ILE A 82 4.18 -8.56 -31.04
N GLY A 83 4.96 -9.41 -30.37
CA GLY A 83 5.13 -10.81 -30.79
C GLY A 83 4.20 -11.83 -30.18
N GLY A 84 3.16 -11.37 -29.47
CA GLY A 84 2.20 -12.25 -28.79
C GLY A 84 0.77 -11.95 -29.19
N GLY A 85 -0.13 -11.93 -28.21
CA GLY A 85 -1.55 -11.75 -28.48
C GLY A 85 -2.31 -11.57 -27.18
N GLY A 86 -3.63 -11.47 -27.30
CA GLY A 86 -4.44 -11.22 -26.13
C GLY A 86 -5.89 -10.93 -26.46
N PHE A 87 -6.58 -10.30 -25.52
CA PHE A 87 -8.01 -10.03 -25.59
C PHE A 87 -8.31 -8.63 -25.10
N ALA A 88 -9.34 -8.02 -25.69
CA ALA A 88 -9.85 -6.74 -25.19
C ALA A 88 -11.35 -6.87 -25.02
N VAL A 89 -11.82 -6.62 -23.81
CA VAL A 89 -13.24 -6.53 -23.53
C VAL A 89 -13.59 -5.04 -23.46
N ILE A 90 -14.61 -4.65 -24.23
CA ILE A 90 -14.89 -3.23 -24.44
C ILE A 90 -16.36 -2.96 -24.18
N HIS A 91 -16.63 -1.94 -23.37
CA HIS A 91 -17.99 -1.43 -23.19
C HIS A 91 -18.03 -0.05 -23.84
N LEU A 92 -18.96 0.13 -24.78
CA LEU A 92 -19.07 1.38 -25.53
C LEU A 92 -20.12 2.27 -24.89
N ALA A 93 -19.98 3.56 -25.14
CA ALA A 93 -20.88 4.56 -24.60
C ALA A 93 -22.34 4.29 -25.00
N ASN A 94 -22.55 3.68 -26.16
CA ASN A 94 -23.91 3.31 -26.62
C ASN A 94 -24.49 2.07 -25.93
N GLY A 95 -23.79 1.51 -24.94
CA GLY A 95 -24.29 0.36 -24.19
C GLY A 95 -23.89 -1.00 -24.74
N GLU A 96 -23.24 -1.02 -25.91
CA GLU A 96 -22.79 -2.26 -26.52
C GLU A 96 -21.60 -2.82 -25.74
N ASN A 97 -21.57 -4.14 -25.60
CA ASN A 97 -20.41 -4.82 -25.03
C ASN A 97 -19.86 -5.80 -26.05
N VAL A 98 -18.55 -5.70 -26.32
CA VAL A 98 -17.93 -6.55 -27.33
C VAL A 98 -16.62 -7.09 -26.80
N ALA A 99 -16.18 -8.20 -27.38
CA ALA A 99 -14.92 -8.84 -26.99
C ALA A 99 -14.09 -8.99 -28.24
N LEU A 100 -12.85 -8.52 -28.20
CA LEU A 100 -11.92 -8.69 -29.30
C LEU A 100 -10.93 -9.81 -28.99
N ASP A 101 -10.92 -10.81 -29.85
CA ASP A 101 -10.00 -11.95 -29.79
C ASP A 101 -8.85 -11.62 -30.74
N PHE A 102 -7.69 -11.28 -30.17
CA PHE A 102 -6.44 -11.22 -30.92
C PHE A 102 -5.41 -12.24 -30.37
N ARG A 103 -5.94 -13.40 -30.00
CA ARG A 103 -5.14 -14.52 -29.53
C ARG A 103 -4.32 -15.12 -30.67
N GLU A 104 -3.12 -15.61 -30.36
CA GLU A 104 -2.30 -16.27 -31.38
C GLU A 104 -2.99 -17.52 -31.92
N LYS A 105 -2.65 -17.87 -33.16
CA LYS A 105 -3.12 -19.09 -33.80
C LYS A 105 -1.99 -20.08 -33.95
N ALA A 106 -2.31 -21.37 -33.81
CA ALA A 106 -1.35 -22.40 -34.18
C ALA A 106 -1.05 -22.24 -35.65
N PRO A 107 0.24 -22.36 -36.06
CA PRO A 107 0.55 -22.17 -37.46
C PRO A 107 -0.08 -23.25 -38.35
N LEU A 108 -0.11 -22.97 -39.65
CA LEU A 108 -0.72 -23.87 -40.62
C LEU A 108 -0.09 -25.25 -40.62
N LYS A 109 1.21 -25.32 -40.30
CA LYS A 109 1.92 -26.60 -40.26
C LYS A 109 1.88 -27.28 -38.89
N ALA A 110 1.15 -26.70 -37.94
CA ALA A 110 1.00 -27.30 -36.61
C ALA A 110 0.27 -28.63 -36.66
N THR A 111 0.65 -29.53 -35.76
CA THR A 111 0.01 -30.84 -35.63
C THR A 111 -0.16 -31.22 -34.16
N LYS A 112 -1.13 -32.09 -33.92
CA LYS A 112 -1.48 -32.53 -32.57
C LYS A 112 -0.26 -32.94 -31.73
N ASN A 113 0.61 -33.76 -32.29
CA ASN A 113 1.75 -34.33 -31.54
C ASN A 113 3.10 -33.66 -31.82
N MET A 114 3.07 -32.43 -32.33
CA MET A 114 4.29 -31.71 -32.74
C MET A 114 5.36 -31.54 -31.66
N PHE A 115 4.98 -31.59 -30.38
CA PHE A 115 5.94 -31.42 -29.29
C PHE A 115 6.34 -32.74 -28.64
N LEU A 116 5.97 -33.85 -29.26
CA LEU A 116 6.29 -35.17 -28.71
C LEU A 116 7.39 -35.84 -29.52
N ASP A 117 8.14 -36.71 -28.87
CA ASP A 117 9.16 -37.53 -29.55
C ASP A 117 8.52 -38.78 -30.15
N LYS A 118 9.33 -39.68 -30.71
CA LYS A 118 8.84 -40.91 -31.33
C LYS A 118 8.16 -41.86 -30.34
N GLN A 119 8.54 -41.78 -29.07
CA GLN A 119 7.92 -42.58 -28.01
C GLN A 119 6.60 -41.98 -27.50
N GLY A 120 6.20 -40.83 -28.05
CA GLY A 120 5.00 -40.13 -27.61
C GLY A 120 5.23 -39.34 -26.33
N ASN A 121 6.48 -39.07 -25.99
CA ASN A 121 6.80 -38.33 -24.77
C ASN A 121 7.18 -36.89 -25.09
N VAL A 122 6.83 -35.98 -24.19
CA VAL A 122 7.13 -34.56 -24.37
C VAL A 122 8.64 -34.33 -24.54
N VAL A 123 9.00 -33.57 -25.57
CA VAL A 123 10.39 -33.12 -25.78
C VAL A 123 10.65 -31.94 -24.85
N PRO A 124 11.55 -32.11 -23.86
CA PRO A 124 11.77 -31.02 -22.89
C PRO A 124 12.01 -29.67 -23.55
N LYS A 125 11.25 -28.66 -23.10
CA LYS A 125 11.43 -27.25 -23.48
C LYS A 125 10.96 -26.88 -24.89
N LEU A 126 10.49 -27.84 -25.69
CA LEU A 126 10.17 -27.55 -27.09
C LEU A 126 8.95 -26.62 -27.18
N SER A 127 8.01 -26.76 -26.24
CA SER A 127 6.83 -25.88 -26.17
C SER A 127 7.11 -24.57 -25.42
N GLU A 128 8.34 -24.40 -24.91
CA GLU A 128 8.66 -23.31 -23.98
C GLU A 128 9.73 -22.34 -24.49
N ASP A 129 10.85 -22.87 -25.00
CA ASP A 129 11.98 -22.08 -25.46
C ASP A 129 12.12 -22.20 -26.97
N GLY A 130 12.24 -21.06 -27.66
CA GLY A 130 12.55 -21.05 -29.07
C GLY A 130 11.39 -20.89 -30.03
N TYR A 131 11.65 -21.18 -31.30
CA TYR A 131 10.82 -20.74 -32.41
C TYR A 131 9.57 -21.59 -32.65
N LEU A 132 9.64 -22.88 -32.33
CA LEU A 132 8.50 -23.79 -32.48
C LEU A 132 7.42 -23.54 -31.41
N ALA A 133 7.82 -22.90 -30.30
CA ALA A 133 6.90 -22.60 -29.20
C ALA A 133 5.91 -21.49 -29.54
N ALA A 134 6.12 -20.81 -30.66
CA ALA A 134 5.32 -19.60 -30.99
C ALA A 134 4.08 -19.87 -31.82
N GLY A 135 2.97 -19.26 -31.41
CA GLY A 135 1.79 -19.10 -32.26
C GLY A 135 1.93 -17.85 -33.13
N VAL A 136 1.06 -17.74 -34.13
CA VAL A 136 1.08 -16.57 -35.03
C VAL A 136 0.64 -15.32 -34.24
N PRO A 137 1.51 -14.28 -34.15
CA PRO A 137 1.16 -13.12 -33.30
C PRO A 137 -0.10 -12.37 -33.73
N GLY A 138 -0.91 -12.00 -32.75
CA GLY A 138 -2.14 -11.26 -32.97
C GLY A 138 -2.17 -9.83 -32.49
N THR A 139 -1.20 -9.42 -31.65
CA THR A 139 -1.25 -8.08 -31.02
C THR A 139 -1.39 -6.93 -31.99
N VAL A 140 -0.57 -6.90 -33.05
CA VAL A 140 -0.60 -5.76 -33.95
C VAL A 140 -1.96 -5.67 -34.66
N ALA A 141 -2.48 -6.83 -35.07
CA ALA A 141 -3.80 -6.91 -35.68
C ALA A 141 -4.89 -6.47 -34.71
N GLY A 142 -4.74 -6.82 -33.44
CA GLY A 142 -5.71 -6.45 -32.41
C GLY A 142 -5.72 -4.95 -32.18
N MET A 143 -4.53 -4.35 -32.06
CA MET A 143 -4.46 -2.90 -31.86
C MET A 143 -5.11 -2.16 -33.01
N GLU A 144 -4.82 -2.57 -34.24
CA GLU A 144 -5.39 -1.89 -35.40
C GLU A 144 -6.90 -2.08 -35.49
N ALA A 145 -7.35 -3.30 -35.24
CA ALA A 145 -8.79 -3.62 -35.30
C ALA A 145 -9.61 -2.74 -34.36
N MET A 146 -9.19 -2.60 -33.11
CA MET A 146 -9.98 -1.76 -32.20
C MET A 146 -9.88 -0.28 -32.57
N LEU A 147 -8.71 0.18 -33.01
CA LEU A 147 -8.57 1.58 -33.42
C LEU A 147 -9.48 1.89 -34.61
N LYS A 148 -9.45 1.02 -35.61
CA LYS A 148 -10.28 1.23 -36.80
C LYS A 148 -11.78 1.25 -36.49
N LYS A 149 -12.24 0.33 -35.65
CA LYS A 149 -13.69 0.21 -35.40
C LYS A 149 -14.22 1.26 -34.42
N TYR A 150 -13.43 1.61 -33.41
CA TYR A 150 -13.91 2.40 -32.27
C TYR A 150 -13.07 3.59 -31.84
N GLY A 151 -11.89 3.78 -32.45
CA GLY A 151 -10.98 4.87 -32.06
C GLY A 151 -11.32 6.16 -32.78
N THR A 152 -10.65 7.24 -32.37
CA THR A 152 -10.82 8.55 -33.01
C THR A 152 -9.50 9.19 -33.44
N LYS A 153 -8.38 8.72 -32.91
CA LYS A 153 -7.07 9.28 -33.24
C LYS A 153 -6.33 8.44 -34.26
N LYS A 154 -5.34 9.06 -34.90
CA LYS A 154 -4.55 8.38 -35.93
C LYS A 154 -3.50 7.46 -35.31
N LEU A 155 -3.30 6.31 -35.94
CA LEU A 155 -2.26 5.37 -35.48
C LEU A 155 -0.93 6.08 -35.27
N SER A 156 -0.53 6.98 -36.17
CA SER A 156 0.76 7.68 -36.03
C SER A 156 0.91 8.41 -34.68
N GLN A 157 -0.14 9.11 -34.27
CA GLN A 157 -0.15 9.83 -33.00
C GLN A 157 0.02 8.87 -31.82
N LEU A 158 -0.64 7.72 -31.93
CA LEU A 158 -0.72 6.78 -30.81
C LEU A 158 0.52 5.91 -30.68
N ILE A 159 1.22 5.67 -31.79
CA ILE A 159 2.41 4.81 -31.80
C ILE A 159 3.71 5.61 -31.65
N ASP A 160 3.68 6.90 -31.94
CA ASP A 160 4.88 7.72 -31.85
C ASP A 160 5.57 7.65 -30.48
N PRO A 161 4.79 7.66 -29.36
CA PRO A 161 5.49 7.60 -28.07
C PRO A 161 6.30 6.33 -27.87
N ALA A 162 5.74 5.20 -28.31
CA ALA A 162 6.45 3.94 -28.28
C ALA A 162 7.70 3.98 -29.14
N ILE A 163 7.59 4.55 -30.34
CA ILE A 163 8.75 4.67 -31.24
C ILE A 163 9.85 5.51 -30.59
N LYS A 164 9.46 6.62 -29.96
CA LYS A 164 10.42 7.49 -29.27
C LYS A 164 11.20 6.74 -28.19
N LEU A 165 10.49 5.93 -27.42
CA LEU A 165 11.12 5.14 -26.36
C LEU A 165 12.03 4.04 -26.90
N ALA A 166 11.65 3.44 -28.03
CA ALA A 166 12.51 2.44 -28.66
C ALA A 166 13.79 3.05 -29.22
N GLU A 167 13.65 4.18 -29.88
CA GLU A 167 14.80 4.85 -30.50
C GLU A 167 15.76 5.48 -29.50
N ASN A 168 15.22 6.15 -28.49
CA ASN A 168 16.04 6.94 -27.57
C ASN A 168 16.37 6.18 -26.30
N GLY A 169 15.56 5.17 -25.99
CA GLY A 169 15.79 4.33 -24.84
C GLY A 169 15.14 4.79 -23.55
N TYR A 170 15.24 3.90 -22.56
CA TYR A 170 14.79 4.16 -21.20
C TYR A 170 15.68 3.39 -20.24
N ALA A 171 15.71 3.84 -18.99
CA ALA A 171 16.57 3.25 -17.98
C ALA A 171 15.97 1.94 -17.45
N ILE A 172 16.79 0.90 -17.37
CA ILE A 172 16.37 -0.39 -16.84
C ILE A 172 16.09 -0.23 -15.35
N SER A 173 14.92 -0.70 -14.90
CA SER A 173 14.55 -0.63 -13.50
C SER A 173 15.21 -1.77 -12.72
N GLN A 174 15.17 -1.69 -11.39
CA GLN A 174 15.65 -2.78 -10.54
C GLN A 174 14.95 -4.09 -10.90
N ARG A 175 13.62 -4.05 -11.03
CA ARG A 175 12.85 -5.25 -11.30
C ARG A 175 13.18 -5.81 -12.67
N GLN A 176 13.37 -4.94 -13.66
CA GLN A 176 13.75 -5.38 -15.00
C GLN A 176 15.14 -6.00 -15.04
N ALA A 177 16.10 -5.43 -14.30
CA ALA A 177 17.41 -6.05 -14.14
C ALA A 177 17.23 -7.48 -13.61
N GLU A 178 16.34 -7.65 -12.64
CA GLU A 178 16.10 -8.97 -12.03
C GLU A 178 15.49 -9.97 -13.02
N THR A 179 14.44 -9.55 -13.72
CA THR A 179 13.77 -10.47 -14.65
C THR A 179 14.68 -10.79 -15.85
N LEU A 180 15.43 -9.79 -16.32
CA LEU A 180 16.42 -10.03 -17.36
C LEU A 180 17.42 -11.10 -16.91
N LYS A 181 17.92 -10.99 -15.69
CA LYS A 181 18.86 -12.00 -15.16
C LYS A 181 18.25 -13.39 -15.11
N GLU A 182 16.98 -13.47 -14.72
CA GLU A 182 16.31 -14.76 -14.65
C GLU A 182 16.13 -15.42 -16.03
N ALA A 183 16.05 -14.61 -17.09
CA ALA A 183 15.89 -15.10 -18.47
C ALA A 183 17.21 -15.25 -19.22
N ARG A 184 18.28 -14.83 -18.58
CA ARG A 184 19.60 -14.76 -19.21
C ARG A 184 20.00 -16.01 -19.98
N GLU A 185 19.88 -17.16 -19.34
CA GLU A 185 20.29 -18.43 -19.95
C GLU A 185 19.39 -18.83 -21.13
N ARG A 186 18.14 -18.42 -21.08
CA ARG A 186 17.21 -18.65 -22.19
C ARG A 186 17.60 -17.80 -23.39
N PHE A 187 17.87 -16.51 -23.15
CA PHE A 187 18.29 -15.60 -24.22
C PHE A 187 19.54 -16.10 -24.93
N LEU A 188 20.46 -16.67 -24.15
CA LEU A 188 21.75 -17.10 -24.69
C LEU A 188 21.64 -18.29 -25.64
N LYS A 189 20.46 -18.91 -25.70
CA LYS A 189 20.21 -19.96 -26.68
C LYS A 189 20.00 -19.45 -28.11
N TYR A 190 19.73 -18.14 -28.27
CA TYR A 190 19.29 -17.56 -29.55
C TYR A 190 20.17 -16.40 -29.96
N SER A 191 20.78 -16.51 -31.14
CA SER A 191 21.64 -15.44 -31.66
C SER A 191 20.88 -14.12 -31.77
N SER A 192 19.60 -14.16 -32.14
CA SER A 192 18.80 -12.94 -32.23
C SER A 192 18.68 -12.22 -30.87
N SER A 193 18.32 -12.97 -29.83
CA SER A 193 18.16 -12.39 -28.50
C SER A 193 19.47 -11.95 -27.86
N LYS A 194 20.57 -12.62 -28.21
CA LYS A 194 21.90 -12.18 -27.78
C LYS A 194 22.24 -10.78 -28.28
N LYS A 195 21.69 -10.39 -29.43
CA LYS A 195 21.87 -9.03 -29.97
C LYS A 195 21.10 -8.00 -29.15
N TYR A 196 19.87 -8.33 -28.80
CA TYR A 196 18.93 -7.36 -28.26
C TYR A 196 18.92 -7.23 -26.74
N PHE A 197 19.27 -8.30 -26.03
CA PHE A 197 19.13 -8.32 -24.58
C PHE A 197 20.43 -8.37 -23.80
N PHE A 198 21.53 -8.08 -24.50
CA PHE A 198 22.85 -7.89 -23.90
C PHE A 198 23.48 -6.63 -24.49
N LYS A 199 24.36 -6.02 -23.70
CA LYS A 199 25.18 -4.89 -24.14
C LYS A 199 26.40 -5.40 -24.90
N LYS A 200 27.14 -4.48 -25.53
CA LYS A 200 28.39 -4.79 -26.23
C LYS A 200 29.27 -5.72 -25.41
N GLY A 201 29.83 -6.74 -26.06
CA GLY A 201 30.64 -7.77 -25.39
C GLY A 201 29.77 -8.82 -24.71
N HIS A 202 28.50 -8.88 -25.10
CA HIS A 202 27.49 -9.76 -24.50
C HIS A 202 27.47 -9.65 -23.00
N LEU A 203 27.47 -8.40 -22.52
CA LEU A 203 27.44 -8.13 -21.09
C LEU A 203 25.98 -7.91 -20.64
N ASP A 204 25.69 -8.29 -19.40
CA ASP A 204 24.33 -8.17 -18.86
C ASP A 204 23.92 -6.71 -18.72
N TYR A 205 22.67 -6.40 -19.07
CA TYR A 205 22.06 -5.12 -18.73
C TYR A 205 21.84 -5.05 -17.22
N GLN A 206 22.15 -3.89 -16.64
CA GLN A 206 22.08 -3.67 -15.21
C GLN A 206 21.13 -2.52 -14.92
N GLU A 207 20.69 -2.45 -13.67
CA GLU A 207 19.80 -1.37 -13.22
C GLU A 207 20.40 -0.01 -13.55
N GLY A 208 19.62 0.83 -14.21
CA GLY A 208 20.04 2.17 -14.59
C GLY A 208 20.64 2.31 -15.98
N ASP A 209 20.98 1.19 -16.62
CA ASP A 209 21.50 1.23 -18.00
C ASP A 209 20.42 1.69 -18.96
N LEU A 210 20.82 2.46 -19.97
CA LEU A 210 19.93 2.86 -21.06
C LEU A 210 19.72 1.69 -22.01
N PHE A 211 18.46 1.30 -22.16
CA PHE A 211 18.06 0.18 -23.02
C PHE A 211 17.43 0.76 -24.29
N VAL A 212 18.15 0.64 -25.40
CA VAL A 212 17.75 1.17 -26.70
C VAL A 212 17.40 0.01 -27.61
N GLN A 213 16.32 0.17 -28.39
CA GLN A 213 15.80 -0.92 -29.24
C GLN A 213 15.61 -0.45 -30.67
N LYS A 214 16.73 -0.33 -31.38
N LYS A 214 16.73 -0.32 -31.38
CA LYS A 214 16.74 0.25 -32.71
CA LYS A 214 16.74 0.24 -32.73
C LYS A 214 15.94 -0.56 -33.74
C LYS A 214 15.91 -0.57 -33.72
N ASP A 215 16.09 -1.88 -33.73
CA ASP A 215 15.34 -2.74 -34.66
C ASP A 215 13.85 -2.73 -34.34
N LEU A 216 13.50 -2.71 -33.05
CA LEU A 216 12.10 -2.59 -32.67
C LEU A 216 11.51 -1.28 -33.19
N ALA A 217 12.29 -0.20 -33.11
CA ALA A 217 11.82 1.10 -33.63
C ALA A 217 11.55 1.02 -35.14
N LYS A 218 12.42 0.32 -35.87
CA LYS A 218 12.21 0.08 -37.30
C LYS A 218 10.88 -0.64 -37.55
N THR A 219 10.62 -1.67 -36.78
CA THR A 219 9.38 -2.43 -36.95
C THR A 219 8.15 -1.58 -36.64
N LEU A 220 8.21 -0.84 -35.54
CA LEU A 220 7.13 0.07 -35.15
C LEU A 220 6.91 1.14 -36.21
N ASN A 221 7.99 1.60 -36.82
CA ASN A 221 7.87 2.59 -37.90
C ASN A 221 7.18 2.02 -39.16
N GLN A 222 7.42 0.75 -39.46
CA GLN A 222 6.70 0.06 -40.55
C GLN A 222 5.21 0.02 -40.26
N ILE A 223 4.86 -0.24 -39.00
CA ILE A 223 3.47 -0.28 -38.58
C ILE A 223 2.87 1.12 -38.66
N LYS A 224 3.61 2.13 -38.19
CA LYS A 224 3.18 3.52 -38.28
C LYS A 224 2.82 3.90 -39.72
N THR A 225 3.68 3.51 -40.65
CA THR A 225 3.57 3.94 -42.05
C THR A 225 2.53 3.15 -42.86
N LEU A 226 2.45 1.83 -42.60
CA LEU A 226 1.64 0.91 -43.39
C LEU A 226 0.48 0.27 -42.63
N GLY A 227 0.37 0.53 -41.33
CA GLY A 227 -0.60 -0.15 -40.49
C GLY A 227 -0.17 -1.58 -40.22
N ALA A 228 -1.15 -2.43 -39.91
CA ALA A 228 -0.89 -3.82 -39.56
C ALA A 228 -0.17 -4.57 -40.68
N LYS A 229 -0.41 -4.18 -41.94
CA LYS A 229 0.29 -4.79 -43.07
C LYS A 229 1.82 -4.63 -42.98
N GLY A 230 2.28 -3.61 -42.23
CA GLY A 230 3.71 -3.42 -41.97
C GLY A 230 4.33 -4.48 -41.08
N PHE A 231 3.48 -5.23 -40.37
CA PHE A 231 3.91 -6.36 -39.57
C PHE A 231 3.65 -7.68 -40.29
N TYR A 232 2.44 -7.83 -40.84
CA TYR A 232 1.97 -9.12 -41.38
C TYR A 232 2.35 -9.38 -42.84
N GLN A 233 2.88 -8.36 -43.53
CA GLN A 233 3.33 -8.48 -44.92
C GLN A 233 4.66 -7.73 -45.10
N GLY A 234 5.18 -7.73 -46.32
CA GLY A 234 6.40 -6.97 -46.60
C GLY A 234 7.64 -7.43 -45.85
N GLN A 235 8.54 -6.48 -45.58
CA GLN A 235 9.87 -6.79 -45.02
C GLN A 235 9.83 -7.48 -43.66
N VAL A 236 8.95 -7.03 -42.77
CA VAL A 236 8.87 -7.66 -41.45
C VAL A 236 8.39 -9.12 -41.56
N ALA A 237 7.40 -9.39 -42.42
CA ALA A 237 6.92 -10.75 -42.61
C ALA A 237 8.04 -11.62 -43.19
N GLU A 238 8.85 -11.02 -44.06
CA GLU A 238 10.01 -11.69 -44.64
C GLU A 238 11.03 -12.07 -43.55
N LEU A 239 11.31 -11.14 -42.63
CA LEU A 239 12.22 -11.41 -41.52
C LEU A 239 11.70 -12.53 -40.62
N ILE A 240 10.39 -12.56 -40.40
CA ILE A 240 9.81 -13.59 -39.54
C ILE A 240 9.98 -14.97 -40.20
N GLU A 241 9.59 -15.09 -41.47
CA GLU A 241 9.67 -16.38 -42.16
C GLU A 241 11.12 -16.85 -42.22
N LYS A 242 12.02 -15.93 -42.55
CA LYS A 242 13.44 -16.27 -42.67
C LYS A 242 14.02 -16.82 -41.37
N ASP A 243 13.79 -16.11 -40.28
CA ASP A 243 14.31 -16.51 -38.97
C ASP A 243 13.68 -17.83 -38.52
N MET A 244 12.38 -18.01 -38.82
CA MET A 244 11.70 -19.27 -38.55
C MET A 244 12.36 -20.45 -39.27
N LYS A 245 12.58 -20.29 -40.57
CA LYS A 245 13.22 -21.34 -41.38
C LYS A 245 14.62 -21.69 -40.85
N LYS A 246 15.37 -20.67 -40.45
CA LYS A 246 16.74 -20.81 -39.94
C LYS A 246 16.84 -21.56 -38.60
N ASN A 247 15.80 -21.46 -37.78
CA ASN A 247 15.88 -21.88 -36.38
C ASN A 247 14.83 -22.91 -35.96
N GLY A 248 14.30 -23.66 -36.94
CA GLY A 248 13.44 -24.80 -36.65
C GLY A 248 12.00 -24.45 -36.30
N GLY A 249 11.58 -23.24 -36.65
CA GLY A 249 10.19 -22.82 -36.46
C GLY A 249 9.38 -23.07 -37.73
N ILE A 250 8.08 -22.80 -37.65
CA ILE A 250 7.18 -23.11 -38.76
C ILE A 250 6.28 -21.96 -39.25
N ILE A 251 6.37 -20.79 -38.63
CA ILE A 251 5.55 -19.66 -39.07
C ILE A 251 6.09 -19.10 -40.37
N THR A 252 5.17 -18.89 -41.32
CA THR A 252 5.50 -18.45 -42.67
C THR A 252 4.76 -17.16 -43.02
N LYS A 253 5.12 -16.59 -44.17
CA LYS A 253 4.38 -15.45 -44.70
C LYS A 253 2.90 -15.75 -44.90
N GLU A 254 2.57 -17.01 -45.21
CA GLU A 254 1.18 -17.41 -45.40
C GLU A 254 0.41 -17.35 -44.07
N ASP A 255 1.06 -17.80 -43.00
CA ASP A 255 0.46 -17.69 -41.65
C ASP A 255 0.16 -16.23 -41.32
N LEU A 256 1.12 -15.36 -41.58
CA LEU A 256 1.02 -13.95 -41.20
C LEU A 256 -0.07 -13.27 -42.02
N ALA A 257 -0.10 -13.53 -43.33
CA ALA A 257 -1.09 -12.92 -44.22
C ALA A 257 -2.52 -13.39 -43.93
N SER A 258 -2.65 -14.57 -43.30
CA SER A 258 -3.95 -15.14 -42.94
C SER A 258 -4.38 -14.91 -41.47
N TYR A 259 -3.57 -14.19 -40.70
CA TYR A 259 -3.94 -13.92 -39.30
C TYR A 259 -5.16 -13.02 -39.27
N ASN A 260 -6.16 -13.43 -38.49
CA ASN A 260 -7.43 -12.72 -38.38
C ASN A 260 -7.80 -12.50 -36.90
N VAL A 261 -8.11 -11.27 -36.52
CA VAL A 261 -8.80 -11.05 -35.23
C VAL A 261 -10.24 -11.50 -35.39
N LYS A 262 -10.92 -11.73 -34.26
CA LYS A 262 -12.34 -12.01 -34.26
C LYS A 262 -13.05 -11.15 -33.23
N TRP A 263 -14.06 -10.43 -33.68
CA TRP A 263 -14.97 -9.76 -32.76
C TRP A 263 -16.00 -10.77 -32.29
N ARG A 264 -16.01 -11.05 -31.00
CA ARG A 264 -16.85 -12.06 -30.42
C ARG A 264 -17.79 -11.46 -29.41
N LYS A 265 -18.89 -12.16 -29.14
CA LYS A 265 -19.73 -11.82 -28.02
C LYS A 265 -18.98 -12.14 -26.73
N PRO A 266 -18.99 -11.20 -25.77
CA PRO A 266 -18.44 -11.54 -24.47
C PRO A 266 -19.32 -12.56 -23.78
N VAL A 267 -18.76 -13.23 -22.78
CA VAL A 267 -19.58 -14.00 -21.86
C VAL A 267 -20.10 -13.03 -20.80
N VAL A 268 -21.40 -13.14 -20.53
CA VAL A 268 -22.12 -12.21 -19.67
C VAL A 268 -22.84 -12.96 -18.57
N GLY A 269 -22.75 -12.43 -17.36
CA GLY A 269 -23.45 -12.95 -16.20
C GLY A 269 -23.92 -11.86 -15.28
N SER A 270 -24.47 -12.27 -14.15
CA SER A 270 -24.92 -11.32 -13.13
C SER A 270 -24.45 -11.79 -11.75
N TYR A 271 -24.15 -10.82 -10.91
CA TYR A 271 -23.77 -11.07 -9.52
C TYR A 271 -24.35 -9.96 -8.65
N ARG A 272 -25.35 -10.31 -7.85
CA ARG A 272 -25.96 -9.37 -6.88
C ARG A 272 -26.35 -8.03 -7.49
N GLY A 273 -26.96 -8.06 -8.66
CA GLY A 273 -27.48 -6.85 -9.30
C GLY A 273 -26.51 -6.14 -10.24
N TYR A 274 -25.29 -6.67 -10.34
CA TYR A 274 -24.28 -6.15 -11.26
C TYR A 274 -24.12 -7.09 -12.46
N LYS A 275 -23.81 -6.53 -13.62
CA LYS A 275 -23.59 -7.32 -14.84
C LYS A 275 -22.09 -7.52 -15.00
N ILE A 276 -21.71 -8.78 -15.22
CA ILE A 276 -20.32 -9.17 -15.42
C ILE A 276 -20.11 -9.41 -16.92
N ILE A 277 -19.17 -8.66 -17.51
CA ILE A 277 -18.81 -8.76 -18.94
C ILE A 277 -17.37 -9.24 -19.01
N SER A 278 -17.13 -10.42 -19.56
CA SER A 278 -15.78 -10.97 -19.59
C SER A 278 -15.48 -11.77 -20.85
N MET A 279 -14.28 -12.33 -20.93
CA MET A 279 -13.82 -12.92 -22.18
C MET A 279 -14.30 -14.34 -22.39
N SER A 280 -14.86 -14.54 -23.58
CA SER A 280 -15.42 -15.80 -24.04
C SER A 280 -14.33 -16.67 -24.68
N PRO A 281 -14.67 -17.90 -25.11
CA PRO A 281 -13.68 -18.70 -25.81
C PRO A 281 -13.07 -17.92 -26.98
N PRO A 282 -11.75 -18.04 -27.18
CA PRO A 282 -10.81 -19.05 -26.69
C PRO A 282 -10.19 -18.82 -25.32
N SER A 283 -10.70 -17.87 -24.55
CA SER A 283 -10.41 -17.86 -23.12
C SER A 283 -11.44 -18.69 -22.35
N SER A 284 -10.98 -19.33 -21.27
CA SER A 284 -11.84 -19.96 -20.28
C SER A 284 -12.17 -18.98 -19.16
N GLY A 285 -11.48 -17.84 -19.14
CA GLY A 285 -11.50 -16.96 -17.96
C GLY A 285 -12.87 -16.41 -17.59
N GLY A 286 -13.53 -15.81 -18.55
CA GLY A 286 -14.85 -15.22 -18.31
C GLY A 286 -15.87 -16.26 -17.87
N THR A 287 -15.83 -17.43 -18.50
CA THR A 287 -16.81 -18.48 -18.19
C THR A 287 -16.66 -18.92 -16.75
N HIS A 288 -15.43 -19.27 -16.35
CA HIS A 288 -15.23 -19.74 -14.99
C HIS A 288 -15.36 -18.64 -13.93
N LEU A 289 -15.02 -17.40 -14.28
CA LEU A 289 -15.23 -16.25 -13.41
C LEU A 289 -16.70 -16.16 -13.05
N ILE A 290 -17.55 -16.25 -14.07
CA ILE A 290 -18.99 -16.11 -13.89
C ILE A 290 -19.57 -17.33 -13.15
N GLN A 291 -19.09 -18.51 -13.52
CA GLN A 291 -19.44 -19.76 -12.84
C GLN A 291 -19.17 -19.69 -11.32
N ILE A 292 -17.97 -19.25 -10.95
CA ILE A 292 -17.56 -19.24 -9.54
C ILE A 292 -18.37 -18.19 -8.75
N LEU A 293 -18.51 -17.01 -9.33
CA LEU A 293 -19.42 -15.99 -8.76
C LEU A 293 -20.85 -16.52 -8.60
N ASN A 294 -21.36 -17.24 -9.60
CA ASN A 294 -22.69 -17.82 -9.50
C ASN A 294 -22.81 -18.72 -8.29
N VAL A 295 -21.80 -19.56 -8.04
CA VAL A 295 -21.83 -20.45 -6.88
C VAL A 295 -21.88 -19.60 -5.60
N MET A 296 -20.97 -18.64 -5.52
CA MET A 296 -20.82 -17.76 -4.35
C MET A 296 -22.10 -16.95 -4.07
N GLU A 297 -22.84 -16.61 -5.12
CA GLU A 297 -24.05 -15.79 -5.00
C GLU A 297 -25.11 -16.44 -4.08
N ASN A 298 -25.04 -17.76 -3.94
CA ASN A 298 -25.96 -18.49 -3.08
C ASN A 298 -25.74 -18.26 -1.58
N ALA A 299 -24.63 -17.64 -1.22
CA ALA A 299 -24.34 -17.32 0.16
C ALA A 299 -24.34 -15.81 0.37
N ASP A 300 -24.75 -15.36 1.56
CA ASP A 300 -24.57 -13.96 1.95
C ASP A 300 -23.15 -13.79 2.48
N LEU A 301 -22.21 -13.55 1.57
CA LEU A 301 -20.82 -13.43 1.97
C LEU A 301 -20.59 -12.18 2.83
N SER A 302 -21.34 -11.11 2.58
CA SER A 302 -21.16 -9.85 3.32
C SER A 302 -21.34 -10.03 4.83
N ALA A 303 -22.18 -10.99 5.23
CA ALA A 303 -22.50 -11.20 6.64
C ALA A 303 -21.27 -11.48 7.49
N LEU A 304 -20.35 -12.31 6.98
CA LEU A 304 -19.15 -12.66 7.74
C LEU A 304 -17.95 -11.85 7.32
N GLY A 305 -17.97 -11.28 6.11
CA GLY A 305 -16.95 -10.33 5.68
C GLY A 305 -15.69 -10.95 5.11
N TYR A 306 -14.80 -10.06 4.68
CA TYR A 306 -13.52 -10.44 4.09
C TYR A 306 -12.71 -11.38 4.99
N GLY A 307 -12.19 -12.44 4.39
CA GLY A 307 -11.25 -13.32 5.07
C GLY A 307 -11.85 -14.35 6.00
N ALA A 308 -13.17 -14.43 6.07
CA ALA A 308 -13.83 -15.43 6.91
C ALA A 308 -13.60 -16.83 6.31
N SER A 309 -13.26 -17.81 7.16
CA SER A 309 -13.04 -19.18 6.64
C SER A 309 -14.28 -19.76 5.94
N LYS A 310 -15.48 -19.48 6.44
CA LYS A 310 -16.70 -19.97 5.78
C LYS A 310 -16.78 -19.44 4.34
N ASN A 311 -16.42 -18.18 4.15
CA ASN A 311 -16.51 -17.55 2.83
C ASN A 311 -15.44 -18.07 1.88
N ILE A 312 -14.22 -18.22 2.39
CA ILE A 312 -13.09 -18.77 1.62
C ILE A 312 -13.42 -20.19 1.16
N HIS A 313 -14.01 -20.97 2.07
CA HIS A 313 -14.44 -22.35 1.79
C HIS A 313 -15.44 -22.43 0.62
N ILE A 314 -16.47 -21.60 0.66
CA ILE A 314 -17.45 -21.59 -0.43
C ILE A 314 -16.78 -21.27 -1.77
N ALA A 315 -15.98 -20.20 -1.78
CA ALA A 315 -15.24 -19.81 -2.99
C ALA A 315 -14.30 -20.90 -3.49
N ALA A 316 -13.54 -21.49 -2.57
CA ALA A 316 -12.55 -22.49 -2.93
C ALA A 316 -13.18 -23.77 -3.50
N GLU A 317 -14.29 -24.20 -2.92
CA GLU A 317 -15.00 -25.36 -3.49
C GLU A 317 -15.59 -25.06 -4.87
N ALA A 318 -16.08 -23.84 -5.07
CA ALA A 318 -16.55 -23.44 -6.40
C ALA A 318 -15.40 -23.45 -7.41
N MET A 319 -14.24 -22.91 -7.00
CA MET A 319 -13.03 -22.91 -7.84
C MET A 319 -12.64 -24.33 -8.22
N ARG A 320 -12.65 -25.22 -7.24
CA ARG A 320 -12.25 -26.61 -7.45
C ARG A 320 -13.06 -27.22 -8.58
N GLN A 321 -14.38 -27.06 -8.54
CA GLN A 321 -15.24 -27.61 -9.59
C GLN A 321 -14.99 -26.92 -10.93
N ALA A 322 -14.86 -25.59 -10.91
CA ALA A 322 -14.64 -24.84 -12.14
C ALA A 322 -13.39 -25.30 -12.88
N TYR A 323 -12.29 -25.51 -12.14
CA TYR A 323 -11.03 -25.92 -12.79
C TYR A 323 -11.08 -27.36 -13.27
N ALA A 324 -11.84 -28.22 -12.59
CA ALA A 324 -12.07 -29.56 -13.12
C ALA A 324 -12.83 -29.46 -14.45
N ASP A 325 -13.85 -28.60 -14.47
CA ASP A 325 -14.66 -28.42 -15.68
C ASP A 325 -13.79 -27.89 -16.81
N ARG A 326 -12.91 -26.95 -16.49
CA ARG A 326 -11.98 -26.38 -17.47
C ARG A 326 -11.19 -27.44 -18.22
N SER A 327 -10.71 -28.44 -17.49
CA SER A 327 -9.81 -29.47 -18.02
C SER A 327 -10.43 -30.36 -19.13
N VAL A 328 -11.76 -30.42 -19.17
N VAL A 328 -11.75 -30.43 -19.20
CA VAL A 328 -12.49 -31.24 -20.12
CA VAL A 328 -12.41 -31.24 -20.24
C VAL A 328 -13.21 -30.41 -21.18
C VAL A 328 -13.30 -30.46 -21.19
N TYR A 329 -13.91 -29.37 -20.75
CA TYR A 329 -14.88 -28.66 -21.61
C TYR A 329 -14.35 -27.49 -22.43
N MET A 330 -13.18 -26.96 -22.08
N MET A 330 -13.16 -27.00 -22.09
CA MET A 330 -12.76 -25.69 -22.64
CA MET A 330 -12.68 -25.73 -22.62
C MET A 330 -11.67 -25.78 -23.71
C MET A 330 -11.66 -25.83 -23.75
N GLY A 331 -11.89 -25.03 -24.79
CA GLY A 331 -10.96 -24.91 -25.91
C GLY A 331 -11.49 -23.84 -26.86
N ASP A 332 -10.85 -23.69 -28.01
CA ASP A 332 -11.29 -22.76 -29.05
C ASP A 332 -12.61 -23.27 -29.64
N ALA A 333 -13.69 -22.52 -29.42
CA ALA A 333 -15.03 -22.91 -29.86
C ALA A 333 -15.20 -22.94 -31.39
N ASP A 334 -14.23 -22.38 -32.11
CA ASP A 334 -14.23 -22.49 -33.57
C ASP A 334 -13.86 -23.90 -34.02
N PHE A 335 -13.34 -24.73 -33.11
CA PHE A 335 -12.89 -26.08 -33.41
C PHE A 335 -13.59 -27.17 -32.61
N VAL A 336 -14.01 -26.84 -31.38
CA VAL A 336 -14.64 -27.80 -30.47
C VAL A 336 -15.90 -27.18 -29.88
N SER A 337 -16.79 -28.04 -29.39
CA SER A 337 -18.02 -27.58 -28.76
C SER A 337 -17.75 -27.23 -27.30
N VAL A 338 -18.01 -25.99 -26.93
CA VAL A 338 -17.74 -25.51 -25.58
C VAL A 338 -19.07 -25.11 -24.94
N PRO A 339 -19.45 -25.80 -23.84
CA PRO A 339 -20.78 -25.60 -23.24
C PRO A 339 -20.83 -24.38 -22.31
N VAL A 340 -20.53 -23.21 -22.86
CA VAL A 340 -20.44 -21.99 -22.06
C VAL A 340 -21.76 -21.75 -21.33
N ASP A 341 -22.86 -21.85 -22.06
CA ASP A 341 -24.19 -21.56 -21.49
C ASP A 341 -24.52 -22.49 -20.32
N LYS A 342 -24.11 -23.76 -20.41
CA LYS A 342 -24.34 -24.71 -19.31
C LYS A 342 -23.46 -24.38 -18.10
N LEU A 343 -22.21 -24.02 -18.35
CA LEU A 343 -21.26 -23.71 -17.28
C LEU A 343 -21.64 -22.44 -16.50
N ILE A 344 -22.26 -21.47 -17.17
CA ILE A 344 -22.66 -20.22 -16.50
C ILE A 344 -24.12 -20.22 -16.07
N ASN A 345 -24.79 -21.36 -16.24
CA ASN A 345 -26.20 -21.50 -15.80
C ASN A 345 -26.28 -21.44 -14.28
N LYS A 346 -27.13 -20.57 -13.75
CA LYS A 346 -27.26 -20.44 -12.31
C LYS A 346 -27.81 -21.70 -11.62
N ALA A 347 -28.60 -22.52 -12.33
CA ALA A 347 -29.08 -23.79 -11.77
C ALA A 347 -27.92 -24.77 -11.55
N TYR A 348 -26.97 -24.81 -12.48
CA TYR A 348 -25.76 -25.62 -12.30
C TYR A 348 -24.95 -25.14 -11.09
N ALA A 349 -24.80 -23.82 -10.98
CA ALA A 349 -24.09 -23.23 -9.86
C ALA A 349 -24.75 -23.58 -8.53
N LYS A 350 -26.09 -23.58 -8.52
CA LYS A 350 -26.86 -23.95 -7.33
C LYS A 350 -26.58 -25.41 -6.94
N LYS A 351 -26.55 -26.30 -7.94
CA LYS A 351 -26.20 -27.71 -7.70
C LYS A 351 -24.81 -27.87 -7.09
N ILE A 352 -23.86 -27.10 -7.60
CA ILE A 352 -22.52 -27.08 -7.02
C ILE A 352 -22.58 -26.59 -5.57
N PHE A 353 -23.21 -25.44 -5.36
CA PHE A 353 -23.34 -24.86 -4.02
C PHE A 353 -23.91 -25.88 -3.01
N ASP A 354 -24.93 -26.62 -3.42
CA ASP A 354 -25.63 -27.53 -2.50
C ASP A 354 -24.76 -28.72 -2.07
N THR A 355 -23.67 -28.99 -2.80
CA THR A 355 -22.71 -30.04 -2.40
C THR A 355 -21.68 -29.57 -1.37
N ILE A 356 -21.62 -28.27 -1.12
CA ILE A 356 -20.62 -27.72 -0.22
C ILE A 356 -21.09 -27.93 1.22
N GLN A 357 -20.29 -28.66 1.99
CA GLN A 357 -20.58 -28.96 3.39
C GLN A 357 -19.90 -27.93 4.28
N PRO A 358 -20.50 -27.62 5.44
CA PRO A 358 -19.92 -26.60 6.30
C PRO A 358 -18.56 -26.97 6.91
N ASP A 359 -18.30 -28.26 7.08
CA ASP A 359 -17.17 -28.72 7.88
C ASP A 359 -16.12 -29.49 7.10
N THR A 360 -16.33 -29.67 5.79
CA THR A 360 -15.45 -30.53 4.99
C THR A 360 -15.36 -30.11 3.53
N VAL A 361 -14.29 -30.56 2.90
CA VAL A 361 -14.04 -30.33 1.48
C VAL A 361 -14.41 -31.59 0.68
N THR A 362 -14.53 -31.42 -0.63
CA THR A 362 -14.59 -32.55 -1.54
C THR A 362 -13.19 -32.63 -2.14
N PRO A 363 -12.43 -33.71 -1.83
CA PRO A 363 -11.11 -33.78 -2.43
C PRO A 363 -11.18 -33.79 -3.96
N SER A 364 -10.15 -33.25 -4.59
CA SER A 364 -10.08 -33.19 -6.05
C SER A 364 -10.20 -34.57 -6.70
N SER A 365 -9.69 -35.60 -6.02
CA SER A 365 -9.82 -36.97 -6.51
C SER A 365 -11.27 -37.45 -6.69
N GLN A 366 -12.22 -36.81 -6.01
CA GLN A 366 -13.64 -37.17 -6.10
C GLN A 366 -14.45 -36.29 -7.05
N ILE A 367 -13.82 -35.22 -7.56
CA ILE A 367 -14.53 -34.29 -8.42
C ILE A 367 -14.72 -34.88 -9.81
N LYS A 368 -15.92 -34.71 -10.35
CA LYS A 368 -16.22 -35.11 -11.71
C LYS A 368 -16.52 -33.84 -12.51
N PRO A 369 -15.85 -33.67 -13.66
CA PRO A 369 -16.24 -32.58 -14.54
C PRO A 369 -17.74 -32.58 -14.86
N GLY A 370 -18.37 -31.42 -14.71
CA GLY A 370 -19.81 -31.25 -14.90
C GLY A 370 -20.65 -31.87 -13.81
N MET A 371 -20.00 -32.32 -12.73
CA MET A 371 -20.62 -33.14 -11.69
C MET A 371 -21.21 -34.43 -12.26
N GLY A 372 -20.70 -34.83 -13.43
CA GLY A 372 -21.21 -36.01 -14.15
C GLY A 372 -22.61 -35.88 -14.73
N GLN A 373 -23.13 -34.66 -14.79
CA GLN A 373 -24.52 -34.43 -15.22
C GLN A 373 -24.70 -33.27 -16.21
N LEU A 374 -23.61 -32.73 -16.76
CA LEU A 374 -23.70 -31.56 -17.64
C LEU A 374 -24.42 -31.89 -18.94
N THR B 1 2.57 -12.12 -18.85
N THR B 1 2.31 -11.12 -20.42
CA THR B 1 1.32 -11.36 -19.13
CA THR B 1 1.33 -11.39 -19.34
C THR B 1 1.29 -10.00 -18.48
C THR B 1 1.20 -10.10 -18.48
N THR B 2 0.41 -9.15 -18.99
CA THR B 2 0.17 -7.87 -18.34
C THR B 2 -1.24 -7.41 -18.68
N HIS B 3 -1.88 -6.74 -17.72
CA HIS B 3 -3.24 -6.24 -17.89
C HIS B 3 -3.25 -4.71 -17.80
N TYR B 4 -4.03 -4.07 -18.66
CA TYR B 4 -4.30 -2.64 -18.49
C TYR B 4 -5.78 -2.30 -18.68
N SER B 5 -6.20 -1.22 -18.02
CA SER B 5 -7.58 -0.84 -17.89
C SER B 5 -7.72 0.64 -18.21
N VAL B 6 -8.74 0.98 -19.00
CA VAL B 6 -8.98 2.36 -19.41
C VAL B 6 -10.47 2.68 -19.31
N ALA B 7 -10.79 3.86 -18.79
CA ALA B 7 -12.17 4.36 -18.81
C ALA B 7 -12.14 5.85 -19.10
N ASP B 8 -12.97 6.29 -20.04
CA ASP B 8 -13.00 7.69 -20.47
C ASP B 8 -14.24 8.45 -19.94
N ARG B 9 -14.33 9.74 -20.26
N ARG B 9 -14.33 9.73 -20.27
CA ARG B 9 -15.38 10.58 -19.70
CA ARG B 9 -15.38 10.58 -19.70
C ARG B 9 -16.76 10.31 -20.31
C ARG B 9 -16.75 10.34 -20.33
N TRP B 10 -16.79 9.67 -21.47
CA TRP B 10 -18.04 9.44 -22.19
C TRP B 10 -18.76 8.16 -21.79
N GLY B 11 -18.06 7.27 -21.10
CA GLY B 11 -18.61 5.99 -20.71
C GLY B 11 -18.06 4.80 -21.45
N ASN B 12 -17.07 5.00 -22.29
CA ASN B 12 -16.35 3.86 -22.85
C ASN B 12 -15.39 3.28 -21.82
N ALA B 13 -15.19 1.97 -21.87
CA ALA B 13 -14.18 1.31 -21.06
C ALA B 13 -13.58 0.14 -21.85
N VAL B 14 -12.28 -0.05 -21.67
CA VAL B 14 -11.51 -1.04 -22.39
C VAL B 14 -10.62 -1.75 -21.39
N SER B 15 -10.72 -3.08 -21.35
CA SER B 15 -9.97 -3.91 -20.44
C SER B 15 -9.16 -4.88 -21.30
N VAL B 16 -7.83 -4.75 -21.26
CA VAL B 16 -6.95 -5.50 -22.15
C VAL B 16 -5.96 -6.34 -21.36
N THR B 17 -5.99 -7.66 -21.59
CA THR B 17 -4.92 -8.53 -21.11
C THR B 17 -4.21 -9.09 -22.32
N TYR B 18 -2.90 -8.92 -22.35
CA TYR B 18 -2.13 -9.46 -23.47
C TYR B 18 -0.74 -9.90 -23.02
N THR B 19 -0.04 -10.61 -23.90
CA THR B 19 1.03 -11.48 -23.41
C THR B 19 1.86 -12.13 -24.51
N ILE B 20 3.06 -12.52 -24.12
CA ILE B 20 3.88 -13.48 -24.87
C ILE B 20 4.02 -14.82 -24.11
N ASN B 21 3.16 -14.98 -23.10
CA ASN B 21 3.05 -16.12 -22.18
C ASN B 21 4.05 -16.05 -21.02
N ALA B 22 5.14 -16.81 -21.08
CA ALA B 22 6.14 -16.72 -20.02
C ALA B 22 6.81 -15.34 -20.02
N SER B 23 7.55 -15.06 -18.96
CA SER B 23 8.38 -13.89 -18.91
C SER B 23 9.37 -13.94 -20.07
N TYR B 24 9.30 -12.93 -20.94
CA TYR B 24 10.09 -12.84 -22.18
C TYR B 24 9.73 -13.92 -23.21
N GLY B 25 8.53 -14.49 -23.07
CA GLY B 25 7.96 -15.39 -24.06
C GLY B 25 8.84 -16.61 -24.23
N SER B 26 9.12 -16.92 -25.49
CA SER B 26 9.97 -18.06 -25.84
C SER B 26 11.45 -17.77 -25.66
N ALA B 27 11.77 -16.53 -25.30
CA ALA B 27 13.13 -16.02 -25.20
C ALA B 27 13.86 -15.83 -26.54
N ALA B 28 13.19 -16.17 -27.65
CA ALA B 28 13.75 -16.02 -29.00
C ALA B 28 13.14 -14.80 -29.68
N SER B 29 14.01 -13.96 -30.24
CA SER B 29 13.59 -12.77 -30.95
C SER B 29 13.61 -13.02 -32.45
N ILE B 30 12.86 -12.22 -33.20
CA ILE B 30 12.97 -12.23 -34.66
C ILE B 30 14.12 -11.31 -35.09
N ASP B 31 15.18 -11.92 -35.62
CA ASP B 31 16.39 -11.18 -36.00
C ASP B 31 16.05 -10.14 -37.07
N GLY B 32 16.42 -8.90 -36.79
CA GLY B 32 16.13 -7.80 -37.67
C GLY B 32 14.89 -7.00 -37.30
N ALA B 33 13.99 -7.61 -36.51
CA ALA B 33 12.71 -6.97 -36.15
C ALA B 33 12.61 -6.50 -34.69
N GLY B 34 13.52 -6.95 -33.83
CA GLY B 34 13.62 -6.40 -32.47
C GLY B 34 12.54 -6.81 -31.47
N PHE B 35 11.75 -7.84 -31.77
CA PHE B 35 10.73 -8.29 -30.83
C PHE B 35 10.85 -9.77 -30.45
N LEU B 36 10.41 -10.08 -29.24
CA LEU B 36 10.39 -11.45 -28.74
C LEU B 36 9.16 -12.22 -29.22
N LEU B 37 9.37 -13.48 -29.57
CA LEU B 37 8.28 -14.40 -29.88
C LEU B 37 7.60 -14.91 -28.61
N ASN B 38 6.30 -15.11 -28.70
CA ASN B 38 5.53 -15.77 -27.66
C ASN B 38 5.91 -17.24 -27.54
N ASN B 39 5.63 -17.83 -26.37
CA ASN B 39 5.56 -19.29 -26.25
C ASN B 39 4.13 -19.74 -25.92
N GLU B 40 3.19 -19.16 -26.65
CA GLU B 40 1.77 -19.43 -26.42
C GLU B 40 1.37 -20.86 -26.78
N MET B 41 2.19 -21.58 -27.55
CA MET B 41 1.85 -22.98 -27.87
C MET B 41 1.76 -23.86 -26.63
N ASP B 42 2.46 -23.51 -25.55
CA ASP B 42 2.36 -24.25 -24.28
C ASP B 42 0.99 -24.12 -23.58
N ASP B 43 0.14 -23.21 -24.05
CA ASP B 43 -1.22 -23.14 -23.52
C ASP B 43 -2.16 -24.18 -24.13
N PHE B 44 -1.72 -24.84 -25.20
CA PHE B 44 -2.40 -26.07 -25.66
C PHE B 44 -2.09 -27.22 -24.71
N SER B 45 -2.94 -28.23 -24.72
CA SER B 45 -2.58 -29.53 -24.20
C SER B 45 -1.73 -30.21 -25.27
N ILE B 46 -0.44 -30.37 -24.98
CA ILE B 46 0.50 -30.96 -25.94
C ILE B 46 0.53 -32.50 -25.87
N LYS B 47 -0.07 -33.04 -24.82
CA LYS B 47 -0.26 -34.46 -24.58
C LYS B 47 -1.36 -34.61 -23.51
N PRO B 48 -2.32 -35.55 -23.71
CA PRO B 48 -3.41 -35.62 -22.73
C PRO B 48 -2.92 -35.83 -21.31
N GLY B 49 -3.42 -35.01 -20.37
CA GLY B 49 -3.03 -35.09 -18.97
C GLY B 49 -1.69 -34.48 -18.61
N ASN B 50 -0.95 -33.95 -19.58
CA ASN B 50 0.35 -33.32 -19.29
C ASN B 50 0.14 -31.91 -18.72
N PRO B 51 0.70 -31.62 -17.51
CA PRO B 51 0.55 -30.29 -16.93
C PRO B 51 1.47 -29.29 -17.61
N ASN B 52 0.95 -28.09 -17.89
CA ASN B 52 1.73 -27.04 -18.54
C ASN B 52 2.42 -26.14 -17.50
N LEU B 53 2.93 -24.99 -17.94
CA LEU B 53 3.65 -24.05 -17.07
C LEU B 53 2.86 -23.65 -15.82
N TYR B 54 1.53 -23.68 -15.90
CA TYR B 54 0.67 -23.29 -14.76
C TYR B 54 0.01 -24.49 -14.08
N GLY B 55 0.44 -25.69 -14.42
CA GLY B 55 -0.16 -26.91 -13.86
C GLY B 55 -1.55 -27.22 -14.38
N LEU B 56 -1.91 -26.61 -15.50
CA LEU B 56 -3.20 -26.86 -16.13
C LEU B 56 -3.08 -28.07 -17.06
N VAL B 57 -4.16 -28.84 -17.13
CA VAL B 57 -4.22 -30.06 -17.92
C VAL B 57 -5.40 -30.02 -18.89
N GLY B 58 -5.33 -30.90 -19.88
CA GLY B 58 -6.39 -30.98 -20.87
C GLY B 58 -6.39 -32.29 -21.61
N GLY B 59 -7.20 -32.32 -22.66
CA GLY B 59 -7.35 -33.51 -23.49
C GLY B 59 -7.68 -33.09 -24.91
N ASP B 60 -8.84 -33.51 -25.40
CA ASP B 60 -9.23 -33.23 -26.78
C ASP B 60 -9.61 -31.77 -27.03
N ALA B 61 -10.34 -31.17 -26.10
CA ALA B 61 -10.90 -29.86 -26.34
C ALA B 61 -9.81 -28.82 -26.61
N ASN B 62 -8.69 -28.93 -25.89
CA ASN B 62 -7.57 -27.99 -26.05
C ASN B 62 -6.33 -28.61 -26.70
N ALA B 63 -6.54 -29.64 -27.52
CA ALA B 63 -5.47 -30.21 -28.33
C ALA B 63 -5.08 -29.26 -29.48
N ILE B 64 -3.88 -29.46 -29.99
CA ILE B 64 -3.38 -28.65 -31.10
C ILE B 64 -4.02 -29.06 -32.41
N GLU B 65 -4.46 -28.06 -33.17
CA GLU B 65 -4.85 -28.21 -34.58
C GLU B 65 -4.36 -26.96 -35.32
N ALA B 66 -4.06 -27.11 -36.61
CA ALA B 66 -3.63 -25.96 -37.41
C ALA B 66 -4.68 -24.86 -37.32
N ASN B 67 -4.19 -23.63 -37.15
CA ASN B 67 -5.02 -22.40 -37.04
C ASN B 67 -5.80 -22.21 -35.75
N LYS B 68 -5.81 -23.23 -34.88
CA LYS B 68 -6.60 -23.17 -33.64
C LYS B 68 -5.92 -22.24 -32.63
N ARG B 69 -6.72 -21.58 -31.80
CA ARG B 69 -6.19 -20.67 -30.78
C ARG B 69 -6.08 -21.42 -29.46
N PRO B 70 -4.89 -21.38 -28.83
CA PRO B 70 -4.73 -22.13 -27.58
C PRO B 70 -5.59 -21.54 -26.46
N LEU B 71 -6.16 -22.41 -25.63
CA LEU B 71 -6.99 -21.97 -24.53
C LEU B 71 -6.24 -21.04 -23.59
N SER B 72 -6.89 -19.94 -23.22
CA SER B 72 -6.35 -18.97 -22.26
C SER B 72 -7.13 -19.00 -20.95
N SER B 73 -6.53 -18.41 -19.92
CA SER B 73 -7.19 -18.08 -18.66
C SER B 73 -7.42 -16.58 -18.50
N MET B 74 -6.97 -15.79 -19.47
CA MET B 74 -7.07 -14.33 -19.36
C MET B 74 -8.53 -13.88 -19.24
N SER B 75 -8.77 -12.99 -18.29
CA SER B 75 -10.11 -12.60 -17.87
C SER B 75 -10.28 -11.08 -17.82
N PRO B 76 -9.96 -10.39 -18.92
CA PRO B 76 -10.25 -8.95 -18.90
C PRO B 76 -11.75 -8.78 -18.73
N THR B 77 -12.13 -7.94 -17.78
CA THR B 77 -13.51 -7.88 -17.32
C THR B 77 -13.97 -6.44 -17.09
N ILE B 78 -15.24 -6.21 -17.39
CA ILE B 78 -15.93 -4.97 -17.06
C ILE B 78 -17.19 -5.34 -16.27
N VAL B 79 -17.39 -4.68 -15.15
CA VAL B 79 -18.61 -4.86 -14.36
C VAL B 79 -19.45 -3.61 -14.54
N LEU B 80 -20.74 -3.82 -14.81
CA LEU B 80 -21.68 -2.72 -15.01
C LEU B 80 -22.69 -2.66 -13.89
N LYS B 81 -23.13 -1.44 -13.59
CA LYS B 81 -24.20 -1.19 -12.65
C LYS B 81 -25.21 -0.33 -13.41
N ASN B 82 -26.41 -0.86 -13.63
CA ASN B 82 -27.44 -0.17 -14.42
C ASN B 82 -26.92 0.15 -15.83
N ASN B 83 -26.24 -0.82 -16.44
CA ASN B 83 -25.62 -0.70 -17.77
C ASN B 83 -24.58 0.41 -17.90
N LYS B 84 -24.04 0.89 -16.78
CA LYS B 84 -22.97 1.89 -16.76
C LYS B 84 -21.72 1.28 -16.15
N VAL B 85 -20.56 1.72 -16.61
CA VAL B 85 -19.28 1.19 -16.13
C VAL B 85 -19.17 1.40 -14.62
N PHE B 86 -18.88 0.30 -13.93
CA PHE B 86 -18.65 0.30 -12.48
C PHE B 86 -17.21 -0.13 -12.16
N LEU B 87 -16.77 -1.25 -12.73
CA LEU B 87 -15.38 -1.72 -12.58
C LEU B 87 -14.77 -2.11 -13.92
N VAL B 88 -13.47 -1.81 -14.07
CA VAL B 88 -12.65 -2.31 -15.16
C VAL B 88 -11.49 -3.03 -14.50
N VAL B 89 -11.36 -4.32 -14.76
CA VAL B 89 -10.44 -5.15 -14.00
C VAL B 89 -9.86 -6.30 -14.82
N GLY B 90 -8.66 -6.71 -14.45
CA GLY B 90 -7.99 -7.85 -15.07
C GLY B 90 -6.63 -8.03 -14.43
N SER B 91 -5.95 -9.11 -14.81
CA SER B 91 -4.66 -9.46 -14.23
C SER B 91 -3.94 -10.50 -15.08
N PRO B 92 -2.60 -10.51 -14.99
CA PRO B 92 -1.82 -11.66 -15.40
C PRO B 92 -1.80 -12.74 -14.33
N GLY B 93 -1.14 -13.86 -14.62
CA GLY B 93 -0.99 -14.93 -13.64
C GLY B 93 -1.33 -16.33 -14.11
N GLY B 94 -1.53 -16.51 -15.42
CA GLY B 94 -1.91 -17.81 -15.97
C GLY B 94 -3.15 -18.36 -15.29
N SER B 95 -3.03 -19.57 -14.73
CA SER B 95 -4.15 -20.18 -14.03
C SER B 95 -4.71 -19.34 -12.87
N ARG B 96 -3.87 -18.49 -12.27
CA ARG B 96 -4.30 -17.67 -11.14
C ARG B 96 -5.13 -16.45 -11.55
N ILE B 97 -5.22 -16.16 -12.84
CA ILE B 97 -5.95 -14.97 -13.29
C ILE B 97 -7.40 -15.02 -12.83
N ILE B 98 -8.05 -16.16 -13.04
CA ILE B 98 -9.49 -16.28 -12.83
C ILE B 98 -9.79 -15.98 -11.37
N THR B 99 -9.00 -16.57 -10.48
CA THR B 99 -9.27 -16.42 -9.06
C THR B 99 -8.87 -15.01 -8.54
N THR B 100 -7.79 -14.45 -9.09
CA THR B 100 -7.40 -13.08 -8.74
C THR B 100 -8.51 -12.08 -9.09
N VAL B 101 -9.03 -12.18 -10.32
CA VAL B 101 -10.03 -11.23 -10.76
C VAL B 101 -11.34 -11.38 -9.95
N LEU B 102 -11.75 -12.63 -9.72
CA LEU B 102 -12.91 -12.95 -8.88
C LEU B 102 -12.82 -12.26 -7.51
N GLN B 103 -11.66 -12.33 -6.90
CA GLN B 103 -11.47 -11.81 -5.55
C GLN B 103 -11.58 -10.29 -5.52
N VAL B 104 -10.99 -9.62 -6.50
CA VAL B 104 -11.06 -8.15 -6.56
C VAL B 104 -12.52 -7.71 -6.71
N ILE B 105 -13.25 -8.36 -7.61
CA ILE B 105 -14.65 -8.04 -7.82
C ILE B 105 -15.49 -8.27 -6.56
N SER B 106 -15.32 -9.43 -5.92
CA SER B 106 -16.02 -9.77 -4.70
C SER B 106 -15.67 -8.79 -3.58
N ASN B 107 -14.39 -8.43 -3.47
CA ASN B 107 -13.98 -7.50 -2.42
C ASN B 107 -14.73 -6.17 -2.51
N VAL B 108 -14.93 -5.67 -3.72
CA VAL B 108 -15.77 -4.49 -3.90
C VAL B 108 -17.26 -4.78 -3.61
N ILE B 109 -17.84 -5.75 -4.31
CA ILE B 109 -19.29 -5.97 -4.26
C ILE B 109 -19.77 -6.58 -2.94
N ASP B 110 -19.05 -7.60 -2.47
CA ASP B 110 -19.43 -8.29 -1.23
C ASP B 110 -19.02 -7.53 0.02
N TYR B 111 -17.82 -6.97 0.01
CA TYR B 111 -17.22 -6.44 1.25
C TYR B 111 -17.09 -4.91 1.28
N ASN B 112 -17.47 -4.22 0.20
CA ASN B 112 -17.48 -2.77 0.14
C ASN B 112 -16.10 -2.14 0.34
N MET B 113 -15.07 -2.84 -0.16
CA MET B 113 -13.74 -2.27 -0.24
C MET B 113 -13.67 -1.25 -1.35
N ASN B 114 -12.88 -0.18 -1.14
CA ASN B 114 -12.51 0.69 -2.24
C ASN B 114 -11.56 -0.07 -3.19
N ILE B 115 -11.31 0.47 -4.36
CA ILE B 115 -10.59 -0.30 -5.37
C ILE B 115 -9.14 -0.59 -4.97
N SER B 116 -8.52 0.33 -4.22
CA SER B 116 -7.17 0.08 -3.70
C SER B 116 -7.14 -1.07 -2.68
N GLU B 117 -8.08 -1.03 -1.75
CA GLU B 117 -8.24 -2.10 -0.76
C GLU B 117 -8.53 -3.44 -1.44
N ALA B 118 -9.45 -3.42 -2.41
CA ALA B 118 -9.84 -4.64 -3.12
C ALA B 118 -8.65 -5.29 -3.83
N VAL B 119 -7.76 -4.46 -4.40
CA VAL B 119 -6.56 -4.96 -5.07
C VAL B 119 -5.44 -5.42 -4.10
N SER B 120 -5.17 -4.63 -3.06
N SER B 120 -5.17 -4.63 -3.06
CA SER B 120 -4.10 -4.97 -2.12
CA SER B 120 -4.11 -4.98 -2.13
C SER B 120 -4.42 -6.19 -1.26
C SER B 120 -4.43 -6.22 -1.29
N ALA B 121 -5.71 -6.43 -1.01
CA ALA B 121 -6.15 -7.51 -0.11
C ALA B 121 -5.49 -8.85 -0.47
N PRO B 122 -5.00 -9.58 0.54
CA PRO B 122 -4.41 -10.89 0.25
C PRO B 122 -5.36 -11.82 -0.50
N ARG B 123 -4.77 -12.68 -1.34
CA ARG B 123 -5.51 -13.54 -2.26
C ARG B 123 -5.25 -15.01 -1.93
N PHE B 124 -6.25 -15.86 -2.17
CA PHE B 124 -6.08 -17.32 -2.08
C PHE B 124 -6.41 -17.91 -3.44
N HIS B 125 -6.12 -19.19 -3.61
CA HIS B 125 -6.28 -19.84 -4.90
C HIS B 125 -6.44 -21.35 -4.76
N MET B 126 -7.40 -21.89 -5.48
CA MET B 126 -7.60 -23.32 -5.63
C MET B 126 -7.84 -23.59 -7.12
N GLN B 127 -7.04 -24.48 -7.70
CA GLN B 127 -7.19 -24.85 -9.12
C GLN B 127 -7.37 -26.35 -9.33
N TRP B 128 -7.83 -27.05 -8.29
CA TRP B 128 -8.24 -28.46 -8.34
C TRP B 128 -7.02 -29.39 -8.39
N LEU B 129 -6.18 -29.24 -9.41
CA LEU B 129 -4.86 -29.88 -9.43
C LEU B 129 -3.81 -28.79 -9.60
N PRO B 130 -2.84 -28.69 -8.68
CA PRO B 130 -2.70 -29.48 -7.48
C PRO B 130 -3.84 -29.23 -6.49
N ASP B 131 -4.11 -30.22 -5.66
CA ASP B 131 -5.17 -30.14 -4.67
C ASP B 131 -4.60 -29.47 -3.42
N GLU B 132 -4.58 -28.15 -3.47
CA GLU B 132 -3.99 -27.31 -2.42
C GLU B 132 -4.70 -25.98 -2.38
N LEU B 133 -4.75 -25.37 -1.20
CA LEU B 133 -5.24 -24.00 -1.07
C LEU B 133 -4.01 -23.11 -0.97
N ARG B 134 -3.74 -22.41 -2.06
CA ARG B 134 -2.58 -21.53 -2.16
C ARG B 134 -2.92 -20.19 -1.54
N ILE B 135 -2.04 -19.71 -0.65
CA ILE B 135 -2.18 -18.41 -0.01
C ILE B 135 -0.92 -17.57 -0.17
N GLU B 136 -0.99 -16.32 0.27
CA GLU B 136 0.14 -15.38 0.25
C GLU B 136 0.65 -15.14 1.65
N LYS B 137 1.93 -14.77 1.74
CA LYS B 137 2.55 -14.54 3.05
C LYS B 137 1.76 -13.45 3.80
N PHE B 138 1.54 -13.68 5.08
CA PHE B 138 0.78 -12.78 5.98
C PHE B 138 -0.70 -12.67 5.62
N GLY B 139 -1.15 -13.49 4.67
CA GLY B 139 -2.49 -13.36 4.14
C GLY B 139 -3.59 -14.05 4.92
N MET B 140 -3.20 -14.99 5.79
CA MET B 140 -4.17 -15.79 6.52
C MET B 140 -3.68 -16.05 7.95
N PRO B 141 -4.42 -15.56 8.95
CA PRO B 141 -3.96 -15.73 10.34
C PRO B 141 -4.24 -17.14 10.85
N ALA B 142 -3.56 -17.51 11.93
CA ALA B 142 -3.64 -18.85 12.51
C ALA B 142 -5.07 -19.37 12.63
N ASP B 143 -5.97 -18.55 13.17
CA ASP B 143 -7.33 -19.02 13.46
C ASP B 143 -8.04 -19.49 12.18
N VAL B 144 -7.85 -18.73 11.10
CA VAL B 144 -8.46 -19.06 9.81
C VAL B 144 -7.77 -20.29 9.18
N LYS B 145 -6.44 -20.30 9.17
CA LYS B 145 -5.68 -21.45 8.68
C LYS B 145 -6.13 -22.74 9.36
N ASP B 146 -6.26 -22.69 10.69
CA ASP B 146 -6.60 -23.89 11.47
C ASP B 146 -7.98 -24.42 11.13
N ASN B 147 -8.95 -23.52 11.02
CA ASN B 147 -10.30 -23.89 10.63
C ASN B 147 -10.38 -24.44 9.21
N LEU B 148 -9.64 -23.86 8.28
CA LEU B 148 -9.63 -24.39 6.93
C LEU B 148 -8.89 -25.75 6.85
N THR B 149 -7.80 -25.89 7.60
CA THR B 149 -7.06 -27.16 7.68
C THR B 149 -7.94 -28.28 8.26
N LYS B 150 -8.73 -27.94 9.27
CA LYS B 150 -9.69 -28.86 9.90
C LYS B 150 -10.75 -29.34 8.91
N MET B 151 -11.08 -28.51 7.93
CA MET B 151 -11.99 -28.90 6.84
C MET B 151 -11.37 -29.87 5.85
N GLY B 152 -10.04 -29.89 5.78
CA GLY B 152 -9.32 -30.75 4.85
C GLY B 152 -8.45 -30.08 3.80
N TYR B 153 -8.32 -28.76 3.84
CA TYR B 153 -7.44 -28.07 2.89
C TYR B 153 -5.97 -28.32 3.25
N GLN B 154 -5.14 -28.49 2.22
CA GLN B 154 -3.69 -28.48 2.37
C GLN B 154 -3.26 -27.08 1.98
N ILE B 155 -2.92 -26.27 2.99
CA ILE B 155 -2.63 -24.86 2.79
C ILE B 155 -1.15 -24.69 2.52
N VAL B 156 -0.82 -23.96 1.45
CA VAL B 156 0.55 -23.73 1.05
C VAL B 156 0.76 -22.24 0.77
N THR B 157 1.82 -21.69 1.35
CA THR B 157 2.16 -20.29 1.13
C THR B 157 3.15 -20.23 -0.03
N LYS B 158 2.78 -19.48 -1.06
CA LYS B 158 3.56 -19.35 -2.28
C LYS B 158 3.71 -17.88 -2.65
N PRO B 159 4.50 -17.58 -3.69
CA PRO B 159 4.69 -16.17 -4.06
C PRO B 159 3.40 -15.44 -4.37
N VAL B 160 3.42 -14.12 -4.28
CA VAL B 160 2.23 -13.34 -4.52
C VAL B 160 1.67 -13.60 -5.93
N MET B 161 0.35 -13.51 -6.01
CA MET B 161 -0.39 -13.86 -7.20
C MET B 161 -0.99 -12.62 -7.84
N GLY B 162 -0.64 -12.36 -9.09
CA GLY B 162 -1.34 -11.37 -9.90
C GLY B 162 -0.72 -10.00 -9.93
N ASP B 163 -1.28 -9.16 -10.81
CA ASP B 163 -0.87 -7.77 -10.94
C ASP B 163 -2.04 -7.01 -11.58
N VAL B 164 -2.98 -6.65 -10.72
CA VAL B 164 -4.23 -6.05 -11.13
C VAL B 164 -4.10 -4.55 -11.32
N ASN B 165 -4.52 -4.06 -12.49
CA ASN B 165 -4.73 -2.65 -12.72
C ASN B 165 -6.22 -2.49 -12.93
N ALA B 166 -6.86 -1.73 -12.05
CA ALA B 166 -8.30 -1.67 -12.00
C ALA B 166 -8.82 -0.24 -11.80
N ILE B 167 -10.03 -0.01 -12.32
CA ILE B 167 -10.72 1.28 -12.22
C ILE B 167 -12.12 1.05 -11.69
N GLN B 168 -12.53 1.90 -10.75
CA GLN B 168 -13.91 1.99 -10.33
C GLN B 168 -14.46 3.36 -10.73
N VAL B 169 -15.68 3.35 -11.26
CA VAL B 169 -16.32 4.58 -11.71
C VAL B 169 -17.62 4.77 -10.92
N LEU B 170 -17.78 5.96 -10.35
CA LEU B 170 -18.96 6.29 -9.56
C LEU B 170 -19.57 7.60 -10.05
N PRO B 171 -20.91 7.69 -10.00
CA PRO B 171 -21.58 8.89 -10.47
C PRO B 171 -21.43 10.06 -9.51
N LYS B 172 -21.41 11.27 -10.07
CA LYS B 172 -21.61 12.48 -9.28
C LYS B 172 -22.56 13.40 -10.06
N THR B 173 -22.93 14.53 -9.48
CA THR B 173 -23.90 15.44 -10.10
C THR B 173 -23.50 15.79 -11.53
N LYS B 174 -22.29 16.30 -11.69
CA LYS B 174 -21.73 16.61 -13.00
C LYS B 174 -20.70 15.56 -13.36
N GLY B 175 -21.05 14.67 -14.29
CA GLY B 175 -20.13 13.63 -14.75
C GLY B 175 -19.91 12.54 -13.72
N SER B 176 -18.67 12.04 -13.66
CA SER B 176 -18.32 10.90 -12.81
C SER B 176 -16.98 11.11 -12.13
N VAL B 177 -16.71 10.27 -11.12
CA VAL B 177 -15.40 10.20 -10.52
C VAL B 177 -14.79 8.83 -10.84
N PHE B 178 -13.51 8.85 -11.20
CA PHE B 178 -12.76 7.65 -11.54
C PHE B 178 -11.72 7.39 -10.46
N TYR B 179 -11.78 6.18 -9.89
CA TYR B 179 -10.82 5.73 -8.88
C TYR B 179 -10.03 4.57 -9.47
N GLY B 180 -8.71 4.61 -9.28
CA GLY B 180 -7.85 3.58 -9.82
C GLY B 180 -6.91 2.96 -8.81
N SER B 181 -6.48 1.75 -9.11
CA SER B 181 -5.45 1.11 -8.34
C SER B 181 -4.55 0.27 -9.23
N THR B 182 -3.24 0.45 -9.02
CA THR B 182 -2.24 -0.50 -9.44
C THR B 182 -2.13 -1.57 -8.33
N ASP B 183 -1.25 -2.53 -8.53
CA ASP B 183 -1.13 -3.64 -7.59
C ASP B 183 0.22 -3.55 -6.88
N PRO B 184 0.20 -3.57 -5.53
CA PRO B 184 1.49 -3.57 -4.81
C PRO B 184 2.42 -4.73 -5.21
N ARG B 185 1.85 -5.80 -5.77
CA ARG B 185 2.62 -7.00 -6.14
C ARG B 185 3.49 -6.83 -7.37
N LYS B 186 3.26 -5.76 -8.12
CA LYS B 186 3.92 -5.53 -9.42
C LYS B 186 5.43 -5.81 -9.37
N GLU B 187 6.12 -5.25 -8.37
CA GLU B 187 7.59 -5.32 -8.29
C GLU B 187 8.17 -6.53 -7.52
N PHE B 188 7.32 -7.49 -7.16
CA PHE B 188 7.75 -8.62 -6.35
C PHE B 188 8.40 -9.69 -7.21
N ALA C 27 -1.07 -7.73 0.23
CA ALA C 27 0.30 -7.29 -0.20
C ALA C 27 0.49 -5.81 0.04
N SER C 28 1.74 -5.41 0.26
CA SER C 28 2.11 -4.02 0.50
C SER C 28 3.06 -3.52 -0.57
N TYR C 29 3.01 -2.22 -0.83
CA TYR C 29 3.95 -1.62 -1.77
C TYR C 29 5.39 -1.77 -1.24
N PRO C 30 6.36 -1.91 -2.15
CA PRO C 30 7.75 -2.05 -1.71
C PRO C 30 8.23 -0.86 -0.87
N PRO C 31 9.11 -1.13 0.12
CA PRO C 31 9.71 -0.01 0.82
C PRO C 31 10.48 0.94 -0.10
N ILE C 32 10.53 2.21 0.30
CA ILE C 32 11.45 3.19 -0.24
C ILE C 32 12.87 2.67 0.04
N LYS C 33 13.77 2.84 -0.92
CA LYS C 33 15.14 2.33 -0.79
C LYS C 33 16.19 3.42 -1.06
N ASN C 34 17.19 3.50 -0.17
CA ASN C 34 18.37 4.32 -0.41
C ASN C 34 19.62 3.53 -0.02
N THR C 35 20.68 3.63 -0.82
CA THR C 35 21.93 2.93 -0.55
C THR C 35 23.13 3.88 -0.46
N LYS C 36 22.88 5.18 -0.32
CA LYS C 36 23.93 6.20 -0.47
C LYS C 36 24.02 7.14 0.73
N VAL C 37 22.94 7.85 1.02
CA VAL C 37 22.96 8.89 2.06
C VAL C 37 21.97 8.65 3.21
N GLY C 38 21.12 7.63 3.09
CA GLY C 38 20.11 7.34 4.10
C GLY C 38 18.75 7.83 3.69
N LEU C 39 17.86 7.98 4.67
CA LEU C 39 16.48 8.41 4.42
C LEU C 39 16.02 9.41 5.47
N ALA C 40 15.16 10.31 5.02
CA ALA C 40 14.48 11.28 5.87
C ALA C 40 13.00 11.27 5.50
N LEU C 41 12.16 10.73 6.39
CA LEU C 41 10.75 10.47 6.09
C LEU C 41 9.80 11.19 7.03
N SER C 42 8.85 11.90 6.44
CA SER C 42 7.79 12.61 7.16
C SER C 42 6.45 12.39 6.48
N SER C 43 5.38 12.90 7.12
CA SER C 43 4.03 12.81 6.57
C SER C 43 3.71 13.84 5.50
N HIS C 44 4.64 14.72 5.14
CA HIS C 44 4.41 15.60 4.01
C HIS C 44 5.55 15.49 3.01
N PRO C 45 5.23 15.17 1.74
CA PRO C 45 6.29 15.00 0.75
C PRO C 45 7.22 16.19 0.55
N LEU C 46 6.71 17.42 0.71
CA LEU C 46 7.57 18.61 0.59
C LEU C 46 8.62 18.67 1.71
N ALA C 47 8.22 18.27 2.91
CA ALA C 47 9.13 18.26 4.06
C ALA C 47 10.13 17.09 3.95
N SER C 48 9.64 15.93 3.50
CA SER C 48 10.51 14.78 3.28
C SER C 48 11.59 15.09 2.26
N GLU C 49 11.18 15.74 1.16
CA GLU C 49 12.12 16.14 0.10
C GLU C 49 13.19 17.07 0.66
N ILE C 50 12.77 18.02 1.50
CA ILE C 50 13.69 18.96 2.14
C ILE C 50 14.71 18.21 2.99
N GLY C 51 14.25 17.28 3.82
CA GLY C 51 15.16 16.53 4.66
C GLY C 51 16.09 15.63 3.87
N GLN C 52 15.54 14.99 2.82
CA GLN C 52 16.34 14.13 1.97
C GLN C 52 17.44 14.94 1.25
N LYS C 53 17.11 16.16 0.82
CA LYS C 53 18.08 17.03 0.16
C LYS C 53 19.21 17.38 1.12
N VAL C 54 18.89 17.62 2.40
CA VAL C 54 19.92 17.88 3.41
C VAL C 54 20.89 16.70 3.47
N LEU C 55 20.36 15.46 3.48
CA LEU C 55 21.24 14.29 3.46
C LEU C 55 22.08 14.23 2.20
N GLU C 56 21.46 14.50 1.06
CA GLU C 56 22.16 14.51 -0.25
C GLU C 56 23.31 15.55 -0.28
N GLU C 57 23.11 16.65 0.45
CA GLU C 57 24.08 17.74 0.54
C GLU C 57 25.11 17.56 1.66
N GLY C 58 25.17 16.36 2.24
CA GLY C 58 26.19 16.03 3.23
C GLY C 58 25.87 16.35 4.67
N GLY C 59 24.64 16.77 4.96
CA GLY C 59 24.23 16.95 6.34
C GLY C 59 24.01 15.63 7.03
N ASN C 60 24.03 15.65 8.36
CA ASN C 60 23.78 14.44 9.13
C ASN C 60 22.30 14.33 9.51
N ALA C 61 21.94 13.26 10.20
CA ALA C 61 20.54 13.01 10.53
C ALA C 61 19.91 14.13 11.37
N ILE C 62 20.71 14.78 12.22
CA ILE C 62 20.22 15.91 13.03
C ILE C 62 19.93 17.14 12.15
N ASP C 63 20.86 17.47 11.26
CA ASP C 63 20.67 18.57 10.30
C ASP C 63 19.34 18.38 9.53
N ALA C 64 19.12 17.18 9.00
CA ALA C 64 17.92 16.87 8.23
C ALA C 64 16.67 16.96 9.11
N ALA C 65 16.77 16.47 10.36
CA ALA C 65 15.64 16.54 11.30
C ALA C 65 15.22 17.99 11.62
N VAL C 66 16.20 18.87 11.76
CA VAL C 66 15.94 20.27 12.03
C VAL C 66 15.23 20.92 10.83
N ALA C 67 15.73 20.64 9.63
CA ALA C 67 15.10 21.14 8.41
C ALA C 67 13.64 20.68 8.26
N ILE C 68 13.38 19.42 8.58
CA ILE C 68 12.04 18.86 8.51
C ILE C 68 11.14 19.51 9.56
N GLY C 69 11.67 19.71 10.77
CA GLY C 69 10.86 20.33 11.83
C GLY C 69 10.32 21.69 11.43
N PHE C 70 11.17 22.48 10.79
CA PHE C 70 10.72 23.80 10.35
C PHE C 70 9.83 23.72 9.12
N ALA C 71 10.15 22.82 8.20
CA ALA C 71 9.34 22.64 6.99
C ALA C 71 7.90 22.20 7.32
N LEU C 72 7.74 21.26 8.25
CA LEU C 72 6.42 20.79 8.63
C LEU C 72 5.59 21.89 9.32
N ALA C 73 6.28 22.82 10.01
CA ALA C 73 5.61 23.96 10.63
C ALA C 73 4.90 24.85 9.61
N VAL C 74 5.34 24.77 8.36
CA VAL C 74 4.75 25.52 7.25
C VAL C 74 3.74 24.69 6.44
N VAL C 75 4.14 23.49 6.03
CA VAL C 75 3.33 22.69 5.09
C VAL C 75 2.34 21.72 5.75
N HIS C 76 2.42 21.54 7.07
CA HIS C 76 1.52 20.63 7.79
C HIS C 76 1.00 21.30 9.08
N PRO C 77 0.34 22.46 8.96
CA PRO C 77 -0.02 23.24 10.16
C PRO C 77 -1.00 22.58 11.13
N ALA C 78 -1.68 21.51 10.73
CA ALA C 78 -2.50 20.74 11.66
C ALA C 78 -1.68 20.11 12.78
N ALA C 79 -0.39 19.88 12.52
CA ALA C 79 0.44 19.03 13.38
C ALA C 79 1.87 19.55 13.48
N GLY C 80 2.55 19.72 12.34
CA GLY C 80 3.82 20.44 12.29
C GLY C 80 3.63 21.85 12.86
N ASN C 81 4.66 22.40 13.50
CA ASN C 81 4.47 23.60 14.31
C ASN C 81 5.76 24.27 14.75
N ILE C 82 5.64 25.55 15.06
CA ILE C 82 6.54 26.22 16.00
C ILE C 82 5.81 26.60 17.32
N GLY C 83 4.50 26.42 17.39
CA GLY C 83 3.73 26.74 18.59
C GLY C 83 3.46 25.63 19.58
N GLY C 84 4.10 24.48 19.39
CA GLY C 84 3.91 23.34 20.26
C GLY C 84 5.23 22.83 20.80
N GLY C 85 5.40 21.51 20.83
CA GLY C 85 6.61 20.89 21.33
C GLY C 85 6.62 19.40 21.06
N GLY C 86 7.61 18.72 21.63
CA GLY C 86 7.76 17.31 21.40
C GLY C 86 9.07 16.77 21.91
N PHE C 87 9.48 15.66 21.30
CA PHE C 87 10.66 14.92 21.73
C PHE C 87 11.46 14.41 20.54
N ALA C 88 12.78 14.34 20.73
CA ALA C 88 13.71 13.75 19.77
C ALA C 88 14.52 12.67 20.51
N VAL C 89 14.42 11.43 20.03
CA VAL C 89 15.27 10.35 20.51
C VAL C 89 16.35 10.15 19.45
N ILE C 90 17.60 10.16 19.91
CA ILE C 90 18.76 10.26 19.02
C ILE C 90 19.77 9.16 19.33
N HIS C 91 20.19 8.41 18.31
CA HIS C 91 21.31 7.50 18.42
C HIS C 91 22.45 8.10 17.63
N LEU C 92 23.57 8.34 18.31
CA LEU C 92 24.75 8.91 17.66
C LEU C 92 25.68 7.80 17.14
N ALA C 93 26.48 8.17 16.14
CA ALA C 93 27.43 7.24 15.53
C ALA C 93 28.43 6.70 16.53
N ASN C 94 28.74 7.48 17.57
CA ASN C 94 29.63 7.03 18.66
C ASN C 94 28.97 6.06 19.66
N GLY C 95 27.71 5.69 19.42
CA GLY C 95 27.00 4.70 20.24
C GLY C 95 26.17 5.29 21.37
N GLU C 96 26.30 6.58 21.62
CA GLU C 96 25.50 7.24 22.64
C GLU C 96 24.03 7.34 22.22
N ASN C 97 23.14 7.12 23.18
CA ASN C 97 21.72 7.32 22.97
C ASN C 97 21.24 8.42 23.91
N VAL C 98 20.60 9.45 23.37
CA VAL C 98 20.14 10.58 24.16
C VAL C 98 18.71 10.91 23.78
N ALA C 99 17.99 11.53 24.70
CA ALA C 99 16.61 12.00 24.48
C ALA C 99 16.55 13.49 24.73
N LEU C 100 16.01 14.24 23.77
CA LEU C 100 15.77 15.65 23.95
C LEU C 100 14.30 15.92 24.24
N ASP C 101 14.06 16.55 25.38
CA ASP C 101 12.75 16.96 25.85
C ASP C 101 12.56 18.42 25.48
N PHE C 102 11.71 18.65 24.48
CA PHE C 102 11.26 20.00 24.13
C PHE C 102 9.73 20.08 24.23
N ARG C 103 9.23 19.39 25.24
CA ARG C 103 7.81 19.39 25.59
C ARG C 103 7.39 20.75 26.15
N GLU C 104 6.16 21.17 25.88
CA GLU C 104 5.67 22.43 26.45
C GLU C 104 5.60 22.36 27.98
N LYS C 105 5.73 23.52 28.61
CA LYS C 105 5.62 23.66 30.05
C LYS C 105 4.31 24.38 30.41
N ALA C 106 3.67 23.94 31.49
CA ALA C 106 2.62 24.75 32.11
C ALA C 106 3.20 26.13 32.40
N PRO C 107 2.43 27.20 32.15
CA PRO C 107 2.97 28.51 32.43
C PRO C 107 3.33 28.75 33.90
N LEU C 108 4.15 29.75 34.13
CA LEU C 108 4.55 30.17 35.47
C LEU C 108 3.37 30.42 36.42
N LYS C 109 2.26 30.90 35.87
CA LYS C 109 1.05 31.21 36.64
C LYS C 109 0.00 30.11 36.64
N ALA C 110 0.33 28.95 36.08
CA ALA C 110 -0.59 27.83 36.03
C ALA C 110 -0.87 27.32 37.44
N THR C 111 -2.10 26.86 37.66
CA THR C 111 -2.48 26.23 38.93
C THR C 111 -3.29 24.96 38.70
N LYS C 112 -3.31 24.12 39.72
CA LYS C 112 -3.96 22.79 39.66
C LYS C 112 -5.40 22.85 39.12
N ASN C 113 -6.20 23.79 39.62
CA ASN C 113 -7.62 23.84 39.29
C ASN C 113 -7.99 24.92 38.28
N MET C 114 -7.02 25.34 37.46
CA MET C 114 -7.20 26.46 36.53
C MET C 114 -8.28 26.25 35.46
N PHE C 115 -8.64 24.99 35.18
CA PHE C 115 -9.67 24.67 34.18
C PHE C 115 -11.04 24.33 34.81
N LEU C 116 -11.17 24.55 36.11
CA LEU C 116 -12.44 24.26 36.79
C LEU C 116 -13.16 25.52 37.22
N ASP C 117 -14.49 25.42 37.34
CA ASP C 117 -15.31 26.53 37.84
C ASP C 117 -15.31 26.58 39.37
N LYS C 118 -16.09 27.50 39.94
CA LYS C 118 -16.21 27.64 41.39
C LYS C 118 -16.68 26.36 42.09
N GLN C 119 -17.50 25.55 41.40
CA GLN C 119 -18.01 24.29 41.96
C GLN C 119 -17.06 23.09 41.75
N GLY C 120 -15.90 23.33 41.11
CA GLY C 120 -14.92 22.28 40.88
C GLY C 120 -15.21 21.42 39.67
N ASN C 121 -16.03 21.94 38.76
CA ASN C 121 -16.38 21.21 37.54
C ASN C 121 -15.64 21.79 36.35
N VAL C 122 -15.30 20.92 35.41
CA VAL C 122 -14.59 21.33 34.22
C VAL C 122 -15.37 22.40 33.46
N VAL C 123 -14.67 23.48 33.12
CA VAL C 123 -15.22 24.51 32.24
C VAL C 123 -15.12 24.00 30.80
N PRO C 124 -16.26 23.83 30.12
CA PRO C 124 -16.21 23.23 28.77
C PRO C 124 -15.30 23.99 27.82
N LYS C 125 -14.42 23.23 27.15
CA LYS C 125 -13.51 23.73 26.11
C LYS C 125 -12.34 24.61 26.57
N LEU C 126 -12.22 24.90 27.87
CA LEU C 126 -11.18 25.83 28.32
C LEU C 126 -9.78 25.21 28.13
N SER C 127 -9.67 23.88 28.28
CA SER C 127 -8.39 23.16 28.07
C SER C 127 -8.14 22.76 26.62
N GLU C 128 -9.10 23.06 25.75
CA GLU C 128 -9.08 22.58 24.35
C GLU C 128 -8.98 23.71 23.32
N ASP C 129 -9.79 24.76 23.50
CA ASP C 129 -9.90 25.83 22.53
C ASP C 129 -9.39 27.12 23.14
N GLY C 130 -8.50 27.81 22.42
CA GLY C 130 -8.07 29.14 22.84
C GLY C 130 -6.75 29.26 23.56
N TYR C 131 -6.57 30.40 24.22
CA TYR C 131 -5.26 30.83 24.66
C TYR C 131 -4.83 30.23 26.00
N LEU C 132 -5.78 29.93 26.89
CA LEU C 132 -5.47 29.28 28.17
C LEU C 132 -5.11 27.79 28.00
N ALA C 133 -5.46 27.19 26.86
CA ALA C 133 -5.14 25.77 26.60
C ALA C 133 -3.68 25.53 26.27
N ALA C 134 -2.93 26.60 26.06
CA ALA C 134 -1.55 26.50 25.58
C ALA C 134 -0.51 26.35 26.69
N GLY C 135 0.39 25.39 26.52
CA GLY C 135 1.66 25.38 27.26
C GLY C 135 2.69 26.25 26.55
N VAL C 136 3.77 26.58 27.25
CA VAL C 136 4.85 27.37 26.68
C VAL C 136 5.54 26.55 25.57
N PRO C 137 5.59 27.09 24.34
CA PRO C 137 6.10 26.27 23.23
C PRO C 137 7.57 25.92 23.34
N GLY C 138 7.90 24.67 23.01
CA GLY C 138 9.26 24.16 23.05
C GLY C 138 9.93 23.89 21.72
N THR C 139 9.15 23.80 20.65
CA THR C 139 9.71 23.36 19.34
C THR C 139 10.93 24.14 18.87
N VAL C 140 10.88 25.47 18.91
CA VAL C 140 12.00 26.25 18.38
C VAL C 140 13.27 26.02 19.21
N ALA C 141 13.10 25.99 20.54
CA ALA C 141 14.22 25.71 21.43
C ALA C 141 14.81 24.33 21.18
N GLY C 142 13.93 23.36 20.92
CA GLY C 142 14.35 22.00 20.63
C GLY C 142 15.13 21.86 19.35
N MET C 143 14.64 22.50 18.29
CA MET C 143 15.35 22.48 17.02
C MET C 143 16.76 23.04 17.20
N GLU C 144 16.86 24.20 17.83
CA GLU C 144 18.15 24.85 18.02
C GLU C 144 19.06 23.99 18.90
N ALA C 145 18.52 23.42 19.99
CA ALA C 145 19.32 22.65 20.93
C ALA C 145 19.98 21.45 20.24
N MET C 146 19.21 20.69 19.46
CA MET C 146 19.83 19.54 18.82
C MET C 146 20.81 19.96 17.73
N LEU C 147 20.52 21.05 17.03
CA LEU C 147 21.45 21.53 15.99
C LEU C 147 22.79 21.94 16.61
N LYS C 148 22.73 22.73 17.66
CA LYS C 148 23.95 23.21 18.35
C LYS C 148 24.80 22.05 18.89
N LYS C 149 24.17 21.03 19.46
CA LYS C 149 24.92 19.94 20.09
C LYS C 149 25.47 18.93 19.09
N TYR C 150 24.69 18.60 18.07
CA TYR C 150 25.02 17.46 17.20
C TYR C 150 24.94 17.72 15.70
N GLY C 151 24.55 18.92 15.29
CA GLY C 151 24.44 19.26 13.89
C GLY C 151 25.76 19.71 13.29
N THR C 152 25.76 19.90 11.97
CA THR C 152 26.95 20.36 11.22
C THR C 152 26.64 21.48 10.24
N LYS C 153 25.36 21.72 9.95
CA LYS C 153 24.99 22.78 9.01
C LYS C 153 24.47 23.99 9.78
N LYS C 154 24.49 25.15 9.13
CA LYS C 154 23.99 26.38 9.74
C LYS C 154 22.45 26.39 9.77
N LEU C 155 21.89 26.90 10.87
CA LEU C 155 20.42 27.05 11.01
C LEU C 155 19.84 27.80 9.81
N SER C 156 20.50 28.89 9.44
CA SER C 156 20.06 29.71 8.32
C SER C 156 19.82 28.89 7.05
N GLN C 157 20.72 27.95 6.76
CA GLN C 157 20.57 27.07 5.59
C GLN C 157 19.39 26.09 5.73
N LEU C 158 19.24 25.54 6.93
CA LEU C 158 18.24 24.51 7.20
C LEU C 158 16.81 25.05 7.27
N ILE C 159 16.67 26.33 7.61
CA ILE C 159 15.35 26.96 7.77
C ILE C 159 14.90 27.65 6.50
N ASP C 160 15.84 27.97 5.62
CA ASP C 160 15.50 28.65 4.36
C ASP C 160 14.40 27.97 3.55
N PRO C 161 14.44 26.62 3.42
CA PRO C 161 13.38 25.99 2.64
C PRO C 161 11.98 26.25 3.22
N ALA C 162 11.86 26.24 4.55
CA ALA C 162 10.60 26.53 5.20
C ALA C 162 10.14 27.97 4.94
N ILE C 163 11.07 28.91 5.07
CA ILE C 163 10.78 30.31 4.79
C ILE C 163 10.25 30.49 3.35
N LYS C 164 10.90 29.84 2.40
CA LYS C 164 10.49 29.93 1.01
C LYS C 164 9.06 29.43 0.81
N LEU C 165 8.72 28.32 1.47
CA LEU C 165 7.36 27.79 1.38
C LEU C 165 6.32 28.72 2.04
N ALA C 166 6.70 29.37 3.14
CA ALA C 166 5.82 30.32 3.82
C ALA C 166 5.61 31.58 2.99
N GLU C 167 6.69 32.10 2.40
CA GLU C 167 6.65 33.30 1.59
C GLU C 167 5.94 33.11 0.26
N ASN C 168 6.20 31.99 -0.41
CA ASN C 168 5.75 31.75 -1.77
C ASN C 168 4.47 30.92 -1.85
N GLY C 169 4.21 30.12 -0.82
CA GLY C 169 3.02 29.31 -0.76
C GLY C 169 3.15 27.91 -1.31
N TYR C 170 2.16 27.09 -0.98
CA TYR C 170 2.00 25.76 -1.53
C TYR C 170 0.51 25.47 -1.71
N ALA C 171 0.21 24.50 -2.55
CA ALA C 171 -1.17 24.16 -2.87
C ALA C 171 -1.79 23.29 -1.78
N ILE C 172 -2.97 23.67 -1.33
CA ILE C 172 -3.74 22.91 -0.35
C ILE C 172 -4.13 21.54 -0.94
N SER C 173 -3.83 20.48 -0.21
CA SER C 173 -4.15 19.11 -0.66
C SER C 173 -5.60 18.79 -0.36
N GLN C 174 -6.07 17.67 -0.91
CA GLN C 174 -7.42 17.20 -0.60
C GLN C 174 -7.61 17.02 0.90
N ARG C 175 -6.66 16.35 1.55
CA ARG C 175 -6.77 16.07 2.97
C ARG C 175 -6.75 17.35 3.80
N GLN C 176 -5.90 18.30 3.42
CA GLN C 176 -5.82 19.58 4.14
C GLN C 176 -7.10 20.37 4.03
N ALA C 177 -7.74 20.35 2.85
CA ALA C 177 -9.01 21.03 2.69
C ALA C 177 -10.02 20.42 3.67
N GLU C 178 -10.01 19.09 3.78
CA GLU C 178 -10.88 18.37 4.70
C GLU C 178 -10.61 18.71 6.16
N THR C 179 -9.35 18.65 6.58
CA THR C 179 -9.01 18.94 7.98
C THR C 179 -9.27 20.42 8.33
N LEU C 180 -9.01 21.34 7.39
CA LEU C 180 -9.32 22.75 7.60
C LEU C 180 -10.82 22.94 7.82
N LYS C 181 -11.63 22.31 6.98
CA LYS C 181 -13.09 22.36 7.12
C LYS C 181 -13.55 21.87 8.49
N GLU C 182 -12.98 20.76 8.95
CA GLU C 182 -13.31 20.20 10.26
C GLU C 182 -12.99 21.15 11.42
N ALA C 183 -11.98 22.01 11.24
CA ALA C 183 -11.54 22.95 12.29
C ALA C 183 -12.19 24.32 12.16
N ARG C 184 -12.98 24.51 11.11
CA ARG C 184 -13.48 25.80 10.72
C ARG C 184 -14.14 26.60 11.86
N GLU C 185 -15.04 25.95 12.59
CA GLU C 185 -15.80 26.62 13.63
C GLU C 185 -14.90 26.98 14.83
N ARG C 186 -13.84 26.19 15.03
CA ARG C 186 -12.86 26.50 16.06
C ARG C 186 -12.04 27.74 15.68
N PHE C 187 -11.56 27.79 14.44
CA PHE C 187 -10.84 28.97 13.95
C PHE C 187 -11.67 30.25 14.08
N LEU C 188 -12.97 30.14 13.82
CA LEU C 188 -13.87 31.30 13.77
C LEU C 188 -14.06 31.96 15.15
N LYS C 189 -13.62 31.29 16.20
CA LYS C 189 -13.61 31.87 17.54
C LYS C 189 -12.51 32.92 17.77
N TYR C 190 -11.48 32.91 16.93
CA TYR C 190 -10.27 33.71 17.16
C TYR C 190 -9.95 34.63 15.98
N SER C 191 -9.91 35.94 16.23
CA SER C 191 -9.60 36.89 15.17
C SER C 191 -8.25 36.57 14.51
N SER C 192 -7.28 36.10 15.28
CA SER C 192 -5.96 35.76 14.74
C SER C 192 -6.06 34.66 13.68
N SER C 193 -6.77 33.59 14.00
CA SER C 193 -6.86 32.43 13.12
C SER C 193 -7.75 32.74 11.91
N LYS C 194 -8.69 33.65 12.09
CA LYS C 194 -9.52 34.10 10.98
C LYS C 194 -8.68 34.77 9.89
N LYS C 195 -7.58 35.41 10.29
CA LYS C 195 -6.65 36.04 9.36
C LYS C 195 -5.84 35.00 8.60
N TYR C 196 -5.41 33.95 9.29
CA TYR C 196 -4.42 33.00 8.74
C TYR C 196 -4.99 31.78 8.05
N PHE C 197 -6.18 31.34 8.48
CA PHE C 197 -6.73 30.06 7.99
C PHE C 197 -8.00 30.19 7.17
N PHE C 198 -8.30 31.42 6.75
CA PHE C 198 -9.33 31.71 5.77
C PHE C 198 -8.74 32.64 4.72
N LYS C 199 -9.27 32.53 3.51
CA LYS C 199 -8.98 33.50 2.45
C LYS C 199 -9.69 34.83 2.72
N LYS C 200 -9.28 35.88 2.00
CA LYS C 200 -9.94 37.19 2.13
C LYS C 200 -11.46 37.01 2.06
N GLY C 201 -12.17 37.76 2.90
CA GLY C 201 -13.64 37.67 2.99
C GLY C 201 -14.08 36.52 3.89
N HIS C 202 -13.12 35.98 4.65
CA HIS C 202 -13.33 34.82 5.51
C HIS C 202 -13.94 33.65 4.77
N LEU C 203 -13.31 33.32 3.64
CA LEU C 203 -13.75 32.24 2.79
C LEU C 203 -12.87 31.01 3.05
N ASP C 204 -13.49 29.85 2.94
CA ASP C 204 -12.79 28.59 3.20
C ASP C 204 -11.71 28.33 2.17
N TYR C 205 -10.54 27.86 2.62
CA TYR C 205 -9.54 27.33 1.70
C TYR C 205 -10.07 26.03 1.09
N GLN C 206 -9.82 25.88 -0.22
CA GLN C 206 -10.22 24.69 -0.96
C GLN C 206 -9.00 24.00 -1.54
N GLU C 207 -9.17 22.72 -1.86
CA GLU C 207 -8.15 21.95 -2.54
C GLU C 207 -7.64 22.72 -3.75
N GLY C 208 -6.31 22.85 -3.86
CA GLY C 208 -5.68 23.51 -5.00
C GLY C 208 -5.33 24.97 -4.76
N ASP C 209 -5.99 25.59 -3.80
CA ASP C 209 -5.73 26.99 -3.48
C ASP C 209 -4.28 27.13 -3.00
N LEU C 210 -3.68 28.27 -3.32
CA LEU C 210 -2.35 28.61 -2.84
C LEU C 210 -2.43 29.17 -1.42
N PHE C 211 -1.72 28.52 -0.51
CA PHE C 211 -1.71 28.89 0.91
C PHE C 211 -0.39 29.54 1.23
N VAL C 212 -0.44 30.86 1.43
CA VAL C 212 0.72 31.70 1.70
C VAL C 212 0.63 32.20 3.14
N GLN C 213 1.78 32.22 3.82
CA GLN C 213 1.86 32.57 5.24
C GLN C 213 2.95 33.60 5.50
N LYS C 214 2.68 34.84 5.12
CA LYS C 214 3.66 35.93 5.25
C LYS C 214 4.08 36.23 6.68
N ASP C 215 3.14 36.24 7.62
CA ASP C 215 3.50 36.49 9.03
C ASP C 215 4.37 35.36 9.59
N LEU C 216 4.04 34.13 9.23
CA LEU C 216 4.86 32.98 9.65
C LEU C 216 6.27 33.15 9.08
N ALA C 217 6.38 33.59 7.83
CA ALA C 217 7.70 33.82 7.21
C ALA C 217 8.51 34.85 8.00
N LYS C 218 7.85 35.91 8.45
CA LYS C 218 8.52 36.92 9.28
C LYS C 218 9.05 36.33 10.58
N THR C 219 8.25 35.49 11.23
CA THR C 219 8.66 34.85 12.47
C THR C 219 9.85 33.92 12.20
N LEU C 220 9.74 33.10 11.15
CA LEU C 220 10.84 32.21 10.78
C LEU C 220 12.14 32.97 10.43
N ASN C 221 12.00 34.13 9.80
CA ASN C 221 13.15 34.99 9.49
C ASN C 221 13.83 35.53 10.75
N GLN C 222 13.04 35.80 11.79
CA GLN C 222 13.60 36.21 13.08
C GLN C 222 14.41 35.06 13.68
N ILE C 223 13.92 33.84 13.53
CA ILE C 223 14.63 32.67 14.01
C ILE C 223 15.90 32.45 13.18
N LYS C 224 15.80 32.64 11.87
CA LYS C 224 16.96 32.51 10.98
C LYS C 224 18.09 33.45 11.41
N THR C 225 17.72 34.69 11.72
CA THR C 225 18.70 35.74 12.02
C THR C 225 19.24 35.68 13.44
N LEU C 226 18.37 35.38 14.40
CA LEU C 226 18.73 35.48 15.81
C LEU C 226 18.76 34.14 16.55
N GLY C 227 18.40 33.05 15.89
CA GLY C 227 18.28 31.74 16.55
C GLY C 227 17.00 31.69 17.37
N ALA C 228 16.98 30.85 18.40
CA ALA C 228 15.80 30.70 19.24
C ALA C 228 15.38 32.02 19.93
N LYS C 229 16.33 32.92 20.20
CA LYS C 229 15.97 34.21 20.81
C LYS C 229 15.05 35.05 19.90
N GLY C 230 15.04 34.73 18.61
CA GLY C 230 14.10 35.31 17.66
C GLY C 230 12.65 34.93 17.88
N PHE C 231 12.43 33.82 18.58
CA PHE C 231 11.10 33.40 19.00
C PHE C 231 10.79 33.77 20.46
N TYR C 232 11.74 33.50 21.37
CA TYR C 232 11.49 33.57 22.82
C TYR C 232 11.75 34.95 23.42
N GLN C 233 12.28 35.87 22.61
CA GLN C 233 12.51 37.25 23.01
C GLN C 233 12.18 38.19 21.86
N GLY C 234 12.36 39.49 22.12
CA GLY C 234 12.20 40.51 21.08
C GLY C 234 10.78 40.64 20.56
N GLN C 235 10.64 40.97 19.28
CA GLN C 235 9.34 41.30 18.68
C GLN C 235 8.33 40.14 18.78
N VAL C 236 8.78 38.94 18.47
CA VAL C 236 7.86 37.79 18.51
C VAL C 236 7.37 37.54 19.94
N ALA C 237 8.28 37.64 20.92
CA ALA C 237 7.88 37.46 22.32
C ALA C 237 6.86 38.52 22.74
N GLU C 238 7.05 39.76 22.29
CA GLU C 238 6.09 40.84 22.54
C GLU C 238 4.72 40.54 21.93
N LEU C 239 4.71 40.05 20.69
CA LEU C 239 3.46 39.64 20.01
C LEU C 239 2.73 38.56 20.80
N ILE C 240 3.49 37.57 21.29
CA ILE C 240 2.91 36.48 22.08
C ILE C 240 2.30 37.03 23.38
N GLU C 241 3.05 37.85 24.11
CA GLU C 241 2.53 38.42 25.35
C GLU C 241 1.28 39.27 25.12
N LYS C 242 1.34 40.14 24.12
CA LYS C 242 0.23 41.05 23.82
C LYS C 242 -1.04 40.26 23.52
N ASP C 243 -0.93 39.23 22.68
CA ASP C 243 -2.12 38.51 22.24
C ASP C 243 -2.69 37.64 23.36
N MET C 244 -1.82 37.08 24.18
CA MET C 244 -2.24 36.38 25.39
C MET C 244 -3.02 37.28 26.34
N LYS C 245 -2.51 38.48 26.59
CA LYS C 245 -3.19 39.41 27.50
C LYS C 245 -4.55 39.82 26.97
N LYS C 246 -4.63 40.05 25.66
CA LYS C 246 -5.89 40.42 24.99
C LYS C 246 -6.96 39.32 25.08
N ASN C 247 -6.54 38.06 25.12
CA ASN C 247 -7.46 36.94 24.94
C ASN C 247 -7.52 35.93 26.10
N GLY C 248 -7.19 36.38 27.31
CA GLY C 248 -7.40 35.56 28.51
C GLY C 248 -6.38 34.45 28.72
N GLY C 249 -5.25 34.53 28.02
CA GLY C 249 -4.15 33.62 28.24
C GLY C 249 -3.22 34.16 29.33
N ILE C 250 -2.29 33.32 29.78
CA ILE C 250 -1.39 33.69 30.89
C ILE C 250 0.11 33.63 30.54
N ILE C 251 0.44 33.30 29.29
CA ILE C 251 1.85 33.23 28.87
C ILE C 251 2.35 34.64 28.59
N THR C 252 3.51 34.96 29.16
CA THR C 252 4.12 36.28 28.99
C THR C 252 5.56 36.14 28.52
N LYS C 253 6.23 37.27 28.33
CA LYS C 253 7.65 37.27 28.01
C LYS C 253 8.48 36.50 29.05
N GLU C 254 8.05 36.51 30.31
CA GLU C 254 8.76 35.78 31.37
C GLU C 254 8.73 34.27 31.12
N ASP C 255 7.54 33.75 30.78
CA ASP C 255 7.40 32.33 30.47
C ASP C 255 8.31 31.93 29.32
N LEU C 256 8.35 32.78 28.29
CA LEU C 256 9.15 32.50 27.11
C LEU C 256 10.65 32.52 27.44
N ALA C 257 11.07 33.51 28.22
CA ALA C 257 12.47 33.61 28.65
C ALA C 257 12.90 32.39 29.48
N SER C 258 11.93 31.82 30.21
CA SER C 258 12.17 30.69 31.11
C SER C 258 12.04 29.32 30.41
N TYR C 259 11.61 29.28 29.14
CA TYR C 259 11.46 27.99 28.48
C TYR C 259 12.80 27.28 28.43
N ASN C 260 12.82 26.02 28.88
CA ASN C 260 14.03 25.20 28.84
C ASN C 260 13.80 23.79 28.28
N VAL C 261 14.62 23.40 27.33
CA VAL C 261 14.72 22.01 26.93
C VAL C 261 15.51 21.28 28.00
N LYS C 262 15.37 19.96 28.01
CA LYS C 262 16.17 19.09 28.88
C LYS C 262 16.68 17.91 28.08
N TRP C 263 18.00 17.70 28.14
CA TRP C 263 18.62 16.49 27.63
C TRP C 263 18.48 15.44 28.70
N ARG C 264 17.82 14.34 28.34
CA ARG C 264 17.51 13.29 29.29
C ARG C 264 18.07 11.96 28.82
N LYS C 265 18.24 11.03 29.76
CA LYS C 265 18.50 9.65 29.38
C LYS C 265 17.21 9.08 28.76
N PRO C 266 17.31 8.39 27.62
CA PRO C 266 16.14 7.69 27.12
C PRO C 266 15.82 6.50 28.02
N VAL C 267 14.59 5.98 27.92
N VAL C 267 14.60 5.97 27.91
CA VAL C 267 14.30 4.70 28.54
CA VAL C 267 14.29 4.71 28.56
C VAL C 267 14.78 3.61 27.60
C VAL C 267 14.76 3.60 27.61
N VAL C 268 15.44 2.59 28.16
CA VAL C 268 16.10 1.56 27.37
C VAL C 268 15.65 0.19 27.86
N GLY C 269 15.35 -0.69 26.92
CA GLY C 269 15.02 -2.08 27.22
C GLY C 269 15.55 -2.98 26.14
N SER C 270 15.15 -4.25 26.21
CA SER C 270 15.55 -5.24 25.22
C SER C 270 14.35 -6.09 24.84
N TYR C 271 14.36 -6.56 23.59
CA TYR C 271 13.32 -7.46 23.09
C TYR C 271 13.94 -8.44 22.11
N ARG C 272 14.06 -9.69 22.53
CA ARG C 272 14.56 -10.76 21.68
C ARG C 272 15.91 -10.45 21.02
N GLY C 273 16.80 -9.85 21.80
CA GLY C 273 18.16 -9.55 21.35
C GLY C 273 18.35 -8.18 20.71
N TYR C 274 17.26 -7.43 20.58
CA TYR C 274 17.31 -6.06 20.10
C TYR C 274 17.22 -5.09 21.26
N LYS C 275 17.90 -3.96 21.15
CA LYS C 275 17.83 -2.90 22.14
C LYS C 275 16.76 -1.87 21.72
N ILE C 276 15.88 -1.54 22.66
CA ILE C 276 14.81 -0.56 22.47
C ILE C 276 15.19 0.76 23.16
N ILE C 277 15.30 1.81 22.37
N ILE C 277 15.30 1.82 22.36
CA ILE C 277 15.59 3.16 22.89
CA ILE C 277 15.61 3.15 22.87
C ILE C 277 14.38 4.05 22.62
C ILE C 277 14.40 4.06 22.62
N SER C 278 13.79 4.58 23.68
CA SER C 278 12.55 5.38 23.52
C SER C 278 12.47 6.51 24.53
N MET C 279 11.38 7.26 24.48
CA MET C 279 11.29 8.49 25.26
C MET C 279 10.87 8.23 26.70
N SER C 280 11.66 8.81 27.60
CA SER C 280 11.46 8.75 29.06
C SER C 280 10.50 9.86 29.50
N PRO C 281 10.14 9.91 30.81
CA PRO C 281 9.30 11.01 31.25
C PRO C 281 9.91 12.36 30.82
N PRO C 282 9.10 13.33 30.41
CA PRO C 282 7.66 13.41 30.65
C PRO C 282 6.75 12.71 29.63
N SER C 283 7.31 11.86 28.77
CA SER C 283 6.43 10.92 28.08
C SER C 283 6.30 9.64 28.88
N SER C 284 5.12 9.02 28.75
CA SER C 284 4.87 7.67 29.22
C SER C 284 5.17 6.63 28.15
N GLY C 285 5.42 7.10 26.93
CA GLY C 285 5.34 6.21 25.78
C GLY C 285 6.41 5.13 25.76
N GLY C 286 7.66 5.55 25.94
CA GLY C 286 8.77 4.63 25.95
C GLY C 286 8.67 3.60 27.07
N THR C 287 8.26 4.06 28.26
CA THR C 287 8.12 3.16 29.42
C THR C 287 7.10 2.06 29.13
N HIS C 288 5.92 2.45 28.67
CA HIS C 288 4.88 1.46 28.41
C HIS C 288 5.16 0.59 27.18
N LEU C 289 5.82 1.15 26.17
N LEU C 289 5.83 1.16 26.18
CA LEU C 289 6.27 0.37 25.02
CA LEU C 289 6.28 0.39 25.03
C LEU C 289 7.17 -0.77 25.47
C LEU C 289 7.18 -0.76 25.46
N ILE C 290 8.20 -0.44 26.25
CA ILE C 290 9.12 -1.44 26.79
C ILE C 290 8.42 -2.44 27.73
N GLN C 291 7.53 -1.94 28.58
CA GLN C 291 6.73 -2.78 29.49
C GLN C 291 5.91 -3.82 28.72
N ILE C 292 5.20 -3.35 27.70
CA ILE C 292 4.36 -4.22 26.89
C ILE C 292 5.17 -5.26 26.12
N LEU C 293 6.25 -4.83 25.46
CA LEU C 293 7.16 -5.75 24.79
C LEU C 293 7.73 -6.75 25.78
N ASN C 294 8.06 -6.30 27.00
CA ASN C 294 8.58 -7.21 28.03
C ASN C 294 7.61 -8.34 28.34
N VAL C 295 6.32 -8.02 28.42
CA VAL C 295 5.28 -9.05 28.67
C VAL C 295 5.23 -10.02 27.49
N MET C 296 5.16 -9.47 26.28
CA MET C 296 5.06 -10.27 25.05
C MET C 296 6.26 -11.20 24.86
N GLU C 297 7.42 -10.78 25.36
CA GLU C 297 8.68 -11.53 25.23
C GLU C 297 8.59 -12.91 25.86
N ASN C 298 7.70 -13.07 26.84
CA ASN C 298 7.52 -14.35 27.51
C ASN C 298 6.85 -15.43 26.65
N ALA C 299 6.28 -15.02 25.51
CA ALA C 299 5.68 -15.93 24.55
C ALA C 299 6.47 -15.97 23.25
N ASP C 300 6.44 -17.11 22.57
CA ASP C 300 6.97 -17.23 21.20
C ASP C 300 5.86 -16.81 20.23
N LEU C 301 5.78 -15.52 19.96
CA LEU C 301 4.74 -15.00 19.08
C LEU C 301 4.92 -15.49 17.64
N SER C 302 6.17 -15.60 17.20
N SER C 302 6.17 -15.62 17.21
CA SER C 302 6.49 -16.04 15.85
CA SER C 302 6.50 -16.05 15.85
C SER C 302 5.83 -17.37 15.50
C SER C 302 5.91 -17.41 15.49
N ALA C 303 5.70 -18.25 16.49
CA ALA C 303 5.14 -19.59 16.25
C ALA C 303 3.76 -19.57 15.56
N LEU C 304 2.89 -18.66 16.00
CA LEU C 304 1.54 -18.56 15.43
C LEU C 304 1.39 -17.46 14.38
N GLY C 305 2.28 -16.46 14.40
CA GLY C 305 2.35 -15.44 13.36
C GLY C 305 1.40 -14.27 13.51
N TYR C 306 1.48 -13.36 12.56
CA TYR C 306 0.71 -12.14 12.56
C TYR C 306 -0.78 -12.42 12.59
N GLY C 307 -1.50 -11.71 13.45
CA GLY C 307 -2.95 -11.74 13.44
C GLY C 307 -3.59 -12.90 14.18
N ALA C 308 -2.78 -13.79 14.77
CA ALA C 308 -3.34 -14.90 15.56
C ALA C 308 -4.02 -14.37 16.82
N SER C 309 -5.24 -14.83 17.08
CA SER C 309 -5.99 -14.39 18.27
C SER C 309 -5.20 -14.63 19.58
N LYS C 310 -4.47 -15.74 19.67
CA LYS C 310 -3.67 -15.99 20.88
C LYS C 310 -2.59 -14.93 21.09
N ASN C 311 -2.00 -14.45 20.01
CA ASN C 311 -0.96 -13.40 20.09
C ASN C 311 -1.55 -12.02 20.41
N ILE C 312 -2.67 -11.71 19.77
CA ILE C 312 -3.41 -10.46 20.01
C ILE C 312 -3.82 -10.37 21.49
N HIS C 313 -4.30 -11.50 22.02
CA HIS C 313 -4.71 -11.59 23.41
C HIS C 313 -3.56 -11.27 24.38
N ILE C 314 -2.39 -11.87 24.16
CA ILE C 314 -1.23 -11.61 25.03
C ILE C 314 -0.91 -10.11 24.99
N ALA C 315 -0.84 -9.55 23.79
CA ALA C 315 -0.54 -8.12 23.63
C ALA C 315 -1.58 -7.21 24.28
N ALA C 316 -2.86 -7.49 24.05
CA ALA C 316 -3.94 -6.66 24.59
C ALA C 316 -3.99 -6.72 26.11
N GLU C 317 -3.75 -7.89 26.70
CA GLU C 317 -3.75 -7.97 28.16
C GLU C 317 -2.57 -7.20 28.76
N ALA C 318 -1.42 -7.26 28.10
CA ALA C 318 -0.27 -6.47 28.48
C ALA C 318 -0.60 -4.97 28.35
N MET C 319 -1.19 -4.57 27.24
CA MET C 319 -1.64 -3.18 27.06
C MET C 319 -2.59 -2.74 28.18
N ARG C 320 -3.55 -3.60 28.53
CA ARG C 320 -4.55 -3.26 29.52
C ARG C 320 -3.88 -2.87 30.84
N GLN C 321 -2.92 -3.68 31.28
CA GLN C 321 -2.23 -3.40 32.52
C GLN C 321 -1.37 -2.14 32.44
N ALA C 322 -0.68 -1.97 31.31
CA ALA C 322 0.17 -0.79 31.06
C ALA C 322 -0.61 0.52 31.19
N TYR C 323 -1.79 0.57 30.58
CA TYR C 323 -2.59 1.80 30.62
C TYR C 323 -3.20 2.06 32.00
N ALA C 324 -3.50 1.00 32.75
CA ALA C 324 -3.93 1.17 34.14
C ALA C 324 -2.78 1.75 34.94
N ASP C 325 -1.59 1.19 34.74
CA ASP C 325 -0.39 1.71 35.40
C ASP C 325 -0.15 3.18 35.08
N ARG C 326 -0.35 3.54 33.82
CA ARG C 326 -0.15 4.91 33.35
C ARG C 326 -0.96 5.91 34.16
N SER C 327 -2.20 5.53 34.45
CA SER C 327 -3.18 6.41 35.08
C SER C 327 -2.82 6.86 36.49
N VAL C 328 -1.95 6.09 37.14
CA VAL C 328 -1.53 6.36 38.52
C VAL C 328 -0.06 6.78 38.64
N TYR C 329 0.83 6.11 37.91
CA TYR C 329 2.26 6.29 38.16
C TYR C 329 2.99 7.34 37.34
N MET C 330 2.40 7.79 36.24
N MET C 330 2.37 7.81 36.25
CA MET C 330 3.16 8.55 35.25
CA MET C 330 3.08 8.58 35.23
C MET C 330 2.85 10.05 35.25
C MET C 330 2.83 10.08 35.31
N GLY C 331 3.93 10.84 35.18
CA GLY C 331 3.86 12.28 35.16
C GLY C 331 5.26 12.78 34.83
N ASP C 332 5.44 14.09 34.89
CA ASP C 332 6.76 14.70 34.72
C ASP C 332 7.58 14.36 35.95
N ALA C 333 8.62 13.54 35.76
CA ALA C 333 9.44 13.04 36.86
C ALA C 333 10.28 14.10 37.56
N ASP C 334 10.31 15.31 36.98
CA ASP C 334 10.95 16.45 37.63
C ASP C 334 10.11 16.99 38.78
N PHE C 335 8.81 16.64 38.79
CA PHE C 335 7.85 17.16 39.77
C PHE C 335 7.23 16.10 40.66
N VAL C 336 7.24 14.85 40.21
N VAL C 336 7.23 14.85 40.21
CA VAL C 336 6.70 13.74 40.99
CA VAL C 336 6.70 13.74 40.99
C VAL C 336 7.58 12.51 40.81
C VAL C 336 7.60 12.53 40.83
N SER C 337 7.55 11.60 41.77
CA SER C 337 8.34 10.37 41.69
C SER C 337 7.63 9.43 40.71
N VAL C 338 8.36 8.96 39.71
CA VAL C 338 7.82 8.11 38.65
C VAL C 338 8.65 6.83 38.62
N PRO C 339 8.02 5.65 38.87
CA PRO C 339 8.77 4.40 39.02
C PRO C 339 9.11 3.73 37.70
N VAL C 340 9.86 4.43 36.85
CA VAL C 340 10.20 3.93 35.52
C VAL C 340 10.90 2.58 35.62
N ASP C 341 11.90 2.47 36.49
CA ASP C 341 12.70 1.24 36.55
C ASP C 341 11.86 0.04 36.96
N LYS C 342 10.89 0.25 37.83
CA LYS C 342 10.00 -0.82 38.24
C LYS C 342 9.07 -1.24 37.11
N LEU C 343 8.56 -0.25 36.36
CA LEU C 343 7.62 -0.53 35.26
C LEU C 343 8.27 -1.26 34.07
N ILE C 344 9.55 -1.02 33.85
CA ILE C 344 10.29 -1.70 32.76
C ILE C 344 11.08 -2.90 33.22
N ASN C 345 10.95 -3.28 34.50
CA ASN C 345 11.61 -4.47 35.01
C ASN C 345 10.97 -5.70 34.40
N LYS C 346 11.80 -6.59 33.87
CA LYS C 346 11.28 -7.80 33.25
C LYS C 346 10.60 -8.75 34.23
N ALA C 347 11.00 -8.71 35.51
CA ALA C 347 10.33 -9.52 36.53
C ALA C 347 8.87 -9.08 36.73
N TYR C 348 8.61 -7.77 36.65
CA TYR C 348 7.25 -7.25 36.74
C TYR C 348 6.45 -7.70 35.51
N ALA C 349 7.07 -7.58 34.33
CA ALA C 349 6.44 -8.07 33.09
C ALA C 349 6.12 -9.56 33.15
N LYS C 350 7.02 -10.36 33.73
CA LYS C 350 6.77 -11.80 33.86
C LYS C 350 5.57 -12.06 34.79
N LYS C 351 5.46 -11.29 35.87
CA LYS C 351 4.29 -11.37 36.75
C LYS C 351 2.99 -11.04 36.01
N ILE C 352 3.01 -10.01 35.18
CA ILE C 352 1.85 -9.70 34.35
C ILE C 352 1.55 -10.88 33.40
N PHE C 353 2.55 -11.33 32.67
CA PHE C 353 2.37 -12.44 31.72
C PHE C 353 1.75 -13.66 32.39
N ASP C 354 2.23 -13.98 33.58
CA ASP C 354 1.80 -15.20 34.28
C ASP C 354 0.35 -15.14 34.77
N THR C 355 -0.25 -13.94 34.82
CA THR C 355 -1.66 -13.76 35.09
C THR C 355 -2.56 -13.98 33.86
N ILE C 356 -1.97 -14.05 32.66
CA ILE C 356 -2.76 -14.16 31.43
C ILE C 356 -3.27 -15.60 31.29
N GLN C 357 -4.60 -15.74 31.32
N GLN C 357 -4.60 -15.72 31.17
CA GLN C 357 -5.24 -17.05 31.29
CA GLN C 357 -5.31 -16.99 30.94
C GLN C 357 -5.63 -17.31 29.86
C GLN C 357 -5.45 -17.28 29.45
N PRO C 358 -5.21 -18.46 29.31
N PRO C 358 -5.58 -18.57 29.08
CA PRO C 358 -5.68 -18.74 27.96
CA PRO C 358 -5.66 -19.04 27.70
C PRO C 358 -7.20 -18.69 27.91
C PRO C 358 -6.82 -18.46 26.88
N ASP C 359 -7.75 -18.04 26.90
N ASP C 359 -8.01 -18.45 27.45
CA ASP C 359 -9.18 -18.12 26.64
CA ASP C 359 -9.18 -17.96 26.70
C ASP C 359 -10.06 -17.15 27.47
C ASP C 359 -10.03 -17.05 27.57
N THR C 360 -9.46 -16.31 28.31
N THR C 360 -9.37 -16.16 28.30
CA THR C 360 -10.24 -15.26 28.96
CA THR C 360 -10.06 -15.28 29.23
C THR C 360 -9.45 -13.99 29.26
C THR C 360 -9.38 -13.94 29.29
N VAL C 361 -10.16 -12.86 29.26
CA VAL C 361 -9.60 -11.54 29.51
C VAL C 361 -9.74 -11.23 30.99
N THR C 362 -8.93 -10.29 31.47
CA THR C 362 -9.16 -9.65 32.75
C THR C 362 -9.96 -8.40 32.45
N PRO C 363 -11.24 -8.35 32.88
CA PRO C 363 -11.99 -7.12 32.69
C PRO C 363 -11.28 -5.93 33.33
N SER C 364 -11.40 -4.74 32.74
CA SER C 364 -10.71 -3.57 33.27
C SER C 364 -11.09 -3.24 34.71
N SER C 365 -12.32 -3.58 35.10
CA SER C 365 -12.76 -3.39 36.48
C SER C 365 -11.98 -4.23 37.49
N GLN C 366 -11.26 -5.27 37.02
CA GLN C 366 -10.48 -6.14 37.89
C GLN C 366 -8.98 -5.86 37.87
N ILE C 367 -8.57 -4.87 37.07
CA ILE C 367 -7.17 -4.49 36.99
C ILE C 367 -6.81 -3.55 38.14
N LYS C 368 -5.68 -3.81 38.78
CA LYS C 368 -5.12 -2.93 39.82
C LYS C 368 -3.83 -2.33 39.26
N PRO C 369 -3.73 -0.98 39.24
CA PRO C 369 -2.44 -0.39 38.84
C PRO C 369 -1.30 -0.98 39.68
N GLY C 370 -0.23 -1.40 39.02
CA GLY C 370 0.91 -2.01 39.69
C GLY C 370 0.67 -3.45 40.14
N MET C 371 -0.52 -3.97 39.82
CA MET C 371 -1.00 -5.29 40.28
C MET C 371 -1.11 -5.39 41.81
N GLY C 372 -1.36 -4.24 42.46
CA GLY C 372 -1.39 -4.16 43.92
C GLY C 372 -0.07 -4.57 44.55
N GLN C 373 1.03 -4.38 43.81
CA GLN C 373 2.36 -4.83 44.22
C GLN C 373 3.40 -3.72 44.16
N LEU C 374 3.41 -2.97 43.06
CA LEU C 374 4.46 -1.97 42.78
C LEU C 374 4.73 -1.08 43.98
N THR D 1 0.94 16.77 16.05
N THR D 1 -0.72 15.69 15.86
CA THR D 1 0.83 15.30 16.22
CA THR D 1 0.67 15.20 16.02
C THR D 1 1.25 14.66 14.87
C THR D 1 1.24 14.70 14.72
N THR D 2 2.57 14.61 14.67
CA THR D 2 3.20 14.05 13.47
C THR D 2 4.57 13.52 13.88
N HIS D 3 5.02 12.44 13.22
CA HIS D 3 6.28 11.82 13.49
C HIS D 3 7.16 11.81 12.26
N TYR D 4 8.45 12.05 12.45
CA TYR D 4 9.40 11.87 11.36
C TYR D 4 10.66 11.15 11.82
N SER D 5 11.28 10.45 10.87
CA SER D 5 12.38 9.55 11.14
C SER D 5 13.50 9.83 10.14
N VAL D 6 14.73 9.91 10.66
CA VAL D 6 15.91 10.16 9.82
C VAL D 6 17.04 9.18 10.20
N ALA D 7 17.73 8.64 9.19
CA ALA D 7 18.93 7.83 9.41
C ALA D 7 19.95 8.21 8.34
N ASP D 8 21.20 8.47 8.75
CA ASP D 8 22.24 8.89 7.80
C ASP D 8 23.27 7.78 7.55
N ARG D 9 24.24 8.06 6.70
CA ARG D 9 25.16 7.01 6.26
C ARG D 9 26.18 6.65 7.33
N TRP D 10 26.35 7.51 8.32
CA TRP D 10 27.37 7.32 9.35
C TRP D 10 26.92 6.50 10.55
N GLY D 11 25.62 6.35 10.71
CA GLY D 11 25.06 5.61 11.84
C GLY D 11 24.28 6.44 12.83
N ASN D 12 24.13 7.73 12.58
CA ASN D 12 23.23 8.56 13.38
C ASN D 12 21.78 8.26 12.98
N ALA D 13 20.89 8.31 13.96
CA ALA D 13 19.46 8.20 13.70
C ALA D 13 18.74 9.18 14.60
N VAL D 14 17.67 9.80 14.09
CA VAL D 14 16.88 10.76 14.86
C VAL D 14 15.41 10.45 14.64
N SER D 15 14.68 10.29 15.74
CA SER D 15 13.28 9.96 15.72
C SER D 15 12.54 11.08 16.45
N VAL D 16 11.73 11.85 15.73
CA VAL D 16 11.08 13.03 16.29
C VAL D 16 9.56 12.94 16.21
N THR D 17 8.91 13.01 17.37
CA THR D 17 7.45 13.18 17.38
C THR D 17 7.19 14.55 18.00
N TYR D 18 6.43 15.39 17.30
CA TYR D 18 6.13 16.70 17.82
C TYR D 18 4.73 17.13 17.40
N THR D 19 4.22 18.19 18.03
CA THR D 19 2.77 18.37 18.05
C THR D 19 2.33 19.71 18.60
N ILE D 20 1.10 20.09 18.23
CA ILE D 20 0.35 21.11 18.96
C ILE D 20 -0.88 20.50 19.65
N ASN D 21 -0.85 19.18 19.74
CA ASN D 21 -1.86 18.30 20.34
C ASN D 21 -3.01 17.99 19.38
N ALA D 22 -4.19 18.61 19.55
CA ALA D 22 -5.29 18.37 18.61
C ALA D 22 -4.93 18.83 17.20
N SER D 23 -5.73 18.43 16.23
CA SER D 23 -5.56 18.94 14.88
C SER D 23 -5.75 20.47 14.93
N TYR D 24 -4.73 21.19 14.50
CA TYR D 24 -4.66 22.67 14.59
C TYR D 24 -4.58 23.22 16.04
N GLY D 25 -4.19 22.35 16.96
CA GLY D 25 -3.96 22.73 18.35
C GLY D 25 -5.18 23.32 19.02
N SER D 26 -4.98 24.47 19.65
CA SER D 26 -6.04 25.18 20.33
C SER D 26 -6.92 25.96 19.36
N ALA D 27 -6.56 25.94 18.07
CA ALA D 27 -7.21 26.71 17.01
C ALA D 27 -6.98 28.22 17.07
N ALA D 28 -6.25 28.68 18.09
CA ALA D 28 -5.91 30.10 18.27
C ALA D 28 -4.48 30.33 17.82
N SER D 29 -4.28 31.37 17.01
CA SER D 29 -2.98 31.75 16.51
C SER D 29 -2.49 32.96 17.28
N ILE D 30 -1.19 33.23 17.20
CA ILE D 30 -0.64 34.46 17.74
C ILE D 30 -0.70 35.52 16.66
N ASP D 31 -1.51 36.55 16.91
CA ASP D 31 -1.71 37.62 15.93
C ASP D 31 -0.37 38.33 15.63
N GLY D 32 -0.03 38.41 14.35
CA GLY D 32 1.20 39.04 13.86
C GLY D 32 2.35 38.07 13.65
N ALA D 33 2.23 36.87 14.22
CA ALA D 33 3.31 35.88 14.17
C ALA D 33 3.00 34.68 13.28
N GLY D 34 1.73 34.48 12.92
CA GLY D 34 1.36 33.48 11.91
C GLY D 34 1.41 32.01 12.31
N PHE D 35 1.46 31.71 13.62
CA PHE D 35 1.48 30.32 14.08
C PHE D 35 0.38 30.01 15.08
N LEU D 36 -0.08 28.76 15.01
CA LEU D 36 -1.06 28.23 15.95
C LEU D 36 -0.45 27.83 17.29
N LEU D 37 -1.18 28.15 18.34
CA LEU D 37 -0.88 27.67 19.69
C LEU D 37 -1.33 26.24 19.90
N ASN D 38 -0.51 25.50 20.65
CA ASN D 38 -0.88 24.18 21.12
C ASN D 38 -2.06 24.22 22.09
N ASN D 39 -2.76 23.10 22.23
CA ASN D 39 -3.61 22.86 23.40
C ASN D 39 -3.08 21.70 24.24
N GLU D 40 -1.77 21.75 24.52
CA GLU D 40 -1.11 20.69 25.27
C GLU D 40 -1.53 20.61 26.75
N MET D 41 -2.14 21.67 27.28
CA MET D 41 -2.60 21.66 28.67
C MET D 41 -3.64 20.57 28.91
N ASP D 42 -4.37 20.18 27.86
CA ASP D 42 -5.31 19.05 27.98
C ASP D 42 -4.67 17.68 28.22
N ASP D 43 -3.34 17.58 28.05
CA ASP D 43 -2.62 16.36 28.38
C ASP D 43 -2.32 16.22 29.89
N PHE D 44 -2.58 17.28 30.66
CA PHE D 44 -2.59 17.15 32.12
C PHE D 44 -3.91 16.49 32.53
N SER D 45 -3.93 15.96 33.75
CA SER D 45 -5.20 15.68 34.41
C SER D 45 -5.69 17.00 34.97
N ILE D 46 -6.80 17.52 34.43
CA ILE D 46 -7.33 18.82 34.86
C ILE D 46 -8.26 18.66 36.07
N LYS D 47 -8.66 17.41 36.35
CA LYS D 47 -9.50 17.04 37.49
C LYS D 47 -9.37 15.52 37.67
N PRO D 48 -9.19 15.03 38.91
CA PRO D 48 -8.96 13.59 39.03
C PRO D 48 -10.05 12.73 38.39
N GLY D 49 -9.63 11.75 37.58
CA GLY D 49 -10.56 10.84 36.91
C GLY D 49 -11.28 11.39 35.69
N ASN D 50 -11.04 12.66 35.35
CA ASN D 50 -11.62 13.25 34.15
C ASN D 50 -10.89 12.75 32.91
N PRO D 51 -11.62 12.14 31.95
CA PRO D 51 -10.97 11.71 30.71
C PRO D 51 -10.69 12.89 29.80
N ASN D 52 -9.49 12.91 29.21
CA ASN D 52 -9.13 13.95 28.25
C ASN D 52 -9.54 13.59 26.79
N LEU D 53 -8.97 14.29 25.82
CA LEU D 53 -9.32 14.11 24.40
C LEU D 53 -9.14 12.67 23.89
N TYR D 54 -8.24 11.91 24.54
CA TYR D 54 -7.94 10.52 24.15
C TYR D 54 -8.48 9.49 25.14
N GLY D 55 -9.33 9.93 26.06
CA GLY D 55 -9.94 9.03 27.04
C GLY D 55 -8.98 8.59 28.14
N LEU D 56 -7.88 9.32 28.29
CA LEU D 56 -6.90 9.01 29.32
C LEU D 56 -7.25 9.74 30.60
N VAL D 57 -6.99 9.09 31.74
CA VAL D 57 -7.29 9.65 33.06
C VAL D 57 -6.05 9.75 33.93
N GLY D 58 -6.17 10.48 35.02
CA GLY D 58 -5.08 10.63 35.96
C GLY D 58 -5.52 11.17 37.31
N GLY D 59 -4.52 11.53 38.10
CA GLY D 59 -4.73 11.99 39.48
C GLY D 59 -3.61 12.92 39.86
N ASP D 60 -2.85 12.54 40.89
CA ASP D 60 -1.81 13.41 41.44
C ASP D 60 -0.61 13.54 40.53
N ALA D 61 -0.16 12.42 39.96
CA ALA D 61 1.13 12.40 39.27
C ALA D 61 1.13 13.35 38.08
N ASN D 62 0.01 13.38 37.34
CA ASN D 62 -0.11 14.23 36.16
C ASN D 62 -1.04 15.45 36.37
N ALA D 63 -1.19 15.90 37.62
CA ALA D 63 -1.93 17.12 37.91
C ALA D 63 -1.10 18.33 37.46
N ILE D 64 -1.77 19.44 37.19
CA ILE D 64 -1.11 20.66 36.76
C ILE D 64 -0.30 21.26 37.91
N GLU D 65 0.96 21.61 37.60
CA GLU D 65 1.79 22.46 38.46
C GLU D 65 2.48 23.45 37.55
N ALA D 66 2.68 24.69 37.99
CA ALA D 66 3.40 25.66 37.17
C ALA D 66 4.76 25.08 36.73
N ASN D 67 5.10 25.32 35.48
CA ASN D 67 6.38 24.91 34.85
C ASN D 67 6.56 23.42 34.58
N LYS D 68 5.56 22.62 35.00
CA LYS D 68 5.58 21.18 34.81
C LYS D 68 5.20 20.84 33.38
N ARG D 69 5.67 19.70 32.88
CA ARG D 69 5.37 19.29 31.51
C ARG D 69 4.24 18.27 31.54
N PRO D 70 3.17 18.52 30.77
CA PRO D 70 2.08 17.53 30.78
C PRO D 70 2.51 16.18 30.22
N LEU D 71 2.02 15.12 30.84
CA LEU D 71 2.35 13.76 30.41
C LEU D 71 1.98 13.52 28.96
N SER D 72 2.92 12.94 28.20
CA SER D 72 2.70 12.60 26.80
C SER D 72 2.60 11.07 26.64
N SER D 73 2.07 10.65 25.49
CA SER D 73 2.19 9.25 25.03
C SER D 73 3.14 9.09 23.85
N MET D 74 3.75 10.18 23.40
CA MET D 74 4.62 10.12 22.22
C MET D 74 5.82 9.19 22.44
N SER D 75 6.09 8.36 21.44
CA SER D 75 7.01 7.25 21.57
C SER D 75 8.00 7.18 20.41
N PRO D 76 8.70 8.30 20.14
CA PRO D 76 9.76 8.22 19.15
C PRO D 76 10.77 7.19 19.64
N THR D 77 11.10 6.25 18.77
CA THR D 77 11.85 5.07 19.13
C THR D 77 12.94 4.71 18.11
N ILE D 78 14.05 4.19 18.62
CA ILE D 78 15.10 3.64 17.78
C ILE D 78 15.38 2.24 18.34
N VAL D 79 15.40 1.25 17.46
CA VAL D 79 15.74 -0.12 17.83
C VAL D 79 17.13 -0.41 17.26
N LEU D 80 17.99 -0.99 18.09
CA LEU D 80 19.36 -1.36 17.71
C LEU D 80 19.53 -2.86 17.63
N LYS D 81 20.39 -3.27 16.70
CA LYS D 81 20.83 -4.66 16.58
C LYS D 81 22.35 -4.58 16.66
N ASN D 82 22.91 -5.16 17.72
CA ASN D 82 24.36 -5.08 17.99
C ASN D 82 24.88 -3.64 18.09
N ASN D 83 24.14 -2.80 18.81
CA ASN D 83 24.39 -1.35 18.94
C ASN D 83 24.45 -0.56 17.63
N LYS D 84 23.91 -1.12 16.56
CA LYS D 84 23.79 -0.43 15.28
C LYS D 84 22.31 -0.19 14.96
N VAL D 85 22.02 0.90 14.26
CA VAL D 85 20.64 1.26 13.95
C VAL D 85 19.99 0.12 13.16
N PHE D 86 18.80 -0.26 13.59
CA PHE D 86 17.99 -1.29 12.94
C PHE D 86 16.63 -0.73 12.50
N LEU D 87 15.91 -0.09 13.43
CA LEU D 87 14.66 0.60 13.11
C LEU D 87 14.64 2.00 13.70
N VAL D 88 14.02 2.91 12.97
CA VAL D 88 13.66 4.24 13.47
C VAL D 88 12.15 4.36 13.25
N VAL D 89 11.39 4.58 14.31
CA VAL D 89 9.95 4.45 14.25
C VAL D 89 9.26 5.38 15.25
N GLY D 90 8.06 5.78 14.91
CA GLY D 90 7.21 6.59 15.78
C GLY D 90 5.89 6.86 15.08
N SER D 91 4.96 7.51 15.79
CA SER D 91 3.65 7.80 15.24
C SER D 91 2.93 8.83 16.09
N PRO D 92 1.98 9.55 15.47
CA PRO D 92 0.97 10.29 16.19
C PRO D 92 -0.19 9.38 16.60
N GLY D 93 -1.20 9.94 17.27
CA GLY D 93 -2.37 9.18 17.68
C GLY D 93 -2.78 9.30 19.14
N GLY D 94 -2.14 10.18 19.90
CA GLY D 94 -2.46 10.32 21.32
C GLY D 94 -2.26 9.01 22.05
N SER D 95 -3.30 8.55 22.76
CA SER D 95 -3.23 7.28 23.47
C SER D 95 -2.85 6.10 22.57
N ARG D 96 -3.16 6.19 21.28
CA ARG D 96 -2.91 5.07 20.36
C ARG D 96 -1.45 4.97 19.92
N ILE D 97 -0.63 5.95 20.27
CA ILE D 97 0.77 5.94 19.81
C ILE D 97 1.49 4.69 20.31
N ILE D 98 1.37 4.41 21.62
CA ILE D 98 2.16 3.37 22.24
C ILE D 98 1.90 2.02 21.56
N THR D 99 0.63 1.71 21.36
CA THR D 99 0.23 0.45 20.73
C THR D 99 0.56 0.38 19.23
N THR D 100 0.44 1.50 18.52
CA THR D 100 0.84 1.53 17.11
C THR D 100 2.32 1.22 16.94
N VAL D 101 3.15 1.90 17.73
CA VAL D 101 4.60 1.75 17.58
C VAL D 101 5.03 0.33 17.96
N LEU D 102 4.47 -0.21 19.03
CA LEU D 102 4.86 -1.57 19.42
C LEU D 102 4.45 -2.61 18.38
N GLN D 103 3.32 -2.41 17.70
CA GLN D 103 2.88 -3.35 16.65
C GLN D 103 3.82 -3.34 15.44
N VAL D 104 4.26 -2.15 15.02
CA VAL D 104 5.20 -2.05 13.92
C VAL D 104 6.52 -2.76 14.29
N ILE D 105 7.01 -2.52 15.49
CA ILE D 105 8.25 -3.17 15.95
C ILE D 105 8.08 -4.70 16.02
N SER D 106 6.97 -5.16 16.60
CA SER D 106 6.70 -6.59 16.69
C SER D 106 6.57 -7.22 15.29
N ASN D 107 5.90 -6.53 14.39
CA ASN D 107 5.71 -7.05 13.04
C ASN D 107 7.04 -7.34 12.35
N VAL D 108 8.05 -6.53 12.62
CA VAL D 108 9.38 -6.75 12.06
C VAL D 108 10.06 -7.90 12.80
N ILE D 109 10.20 -7.76 14.11
CA ILE D 109 11.00 -8.68 14.93
C ILE D 109 10.34 -10.06 15.08
N ASP D 110 9.05 -10.07 15.41
CA ASP D 110 8.34 -11.34 15.61
C ASP D 110 7.94 -12.02 14.31
N TYR D 111 7.47 -11.24 13.34
CA TYR D 111 6.84 -11.81 12.15
C TYR D 111 7.65 -11.68 10.86
N ASN D 112 8.79 -10.99 10.93
CA ASN D 112 9.71 -10.85 9.79
C ASN D 112 9.08 -10.12 8.59
N MET D 113 8.15 -9.20 8.88
CA MET D 113 7.66 -8.29 7.87
C MET D 113 8.76 -7.32 7.46
N ASN D 114 8.76 -6.94 6.18
CA ASN D 114 9.53 -5.77 5.76
C ASN D 114 8.87 -4.51 6.32
N ILE D 115 9.56 -3.39 6.25
CA ILE D 115 9.08 -2.19 6.95
C ILE D 115 7.74 -1.65 6.38
N SER D 116 7.52 -1.82 5.07
CA SER D 116 6.25 -1.43 4.46
C SER D 116 5.09 -2.32 4.92
N GLU D 117 5.36 -3.61 5.00
CA GLU D 117 4.37 -4.57 5.51
C GLU D 117 4.05 -4.29 6.97
N ALA D 118 5.09 -4.01 7.74
CA ALA D 118 4.96 -3.79 9.18
C ALA D 118 4.09 -2.57 9.46
N VAL D 119 4.24 -1.54 8.63
CA VAL D 119 3.46 -0.30 8.76
C VAL D 119 2.01 -0.42 8.22
N SER D 120 1.85 -1.06 7.05
N SER D 120 1.82 -1.04 7.05
CA SER D 120 0.52 -1.23 6.47
CA SER D 120 0.47 -1.18 6.50
C SER D 120 -0.38 -2.16 7.27
C SER D 120 -0.40 -2.18 7.28
N ALA D 121 0.21 -3.17 7.89
CA ALA D 121 -0.56 -4.21 8.59
C ALA D 121 -1.62 -3.60 9.52
N PRO D 122 -2.86 -4.14 9.48
CA PRO D 122 -3.90 -3.67 10.41
C PRO D 122 -3.47 -3.74 11.88
N ARG D 123 -3.96 -2.77 12.62
CA ARG D 123 -3.61 -2.54 14.02
C ARG D 123 -4.83 -2.71 14.91
N PHE D 124 -4.57 -3.15 16.14
CA PHE D 124 -5.57 -3.20 17.20
C PHE D 124 -5.10 -2.35 18.37
N HIS D 125 -5.97 -2.14 19.37
CA HIS D 125 -5.66 -1.22 20.45
C HIS D 125 -6.53 -1.52 21.65
N MET D 126 -5.88 -1.53 22.82
CA MET D 126 -6.54 -1.70 24.11
C MET D 126 -5.89 -0.69 25.06
N GLN D 127 -6.69 0.18 25.64
CA GLN D 127 -6.16 1.19 26.56
C GLN D 127 -6.83 1.17 27.93
N TRP D 128 -7.40 0.02 28.28
CA TRP D 128 -7.98 -0.25 29.60
C TRP D 128 -9.32 0.45 29.82
N LEU D 129 -9.33 1.77 29.72
CA LEU D 129 -10.58 2.55 29.66
C LEU D 129 -10.52 3.41 28.40
N PRO D 130 -11.51 3.26 27.50
CA PRO D 130 -12.64 2.32 27.58
C PRO D 130 -12.18 0.86 27.47
N ASP D 131 -12.97 -0.03 28.06
CA ASP D 131 -12.68 -1.45 28.05
C ASP D 131 -13.24 -2.05 26.76
N GLU D 132 -12.48 -1.86 25.69
CA GLU D 132 -12.83 -2.33 24.35
C GLU D 132 -11.56 -2.66 23.60
N LEU D 133 -11.66 -3.61 22.68
CA LEU D 133 -10.58 -3.93 21.77
C LEU D 133 -10.92 -3.22 20.47
N ARG D 134 -10.17 -2.16 20.20
CA ARG D 134 -10.37 -1.33 19.02
C ARG D 134 -9.63 -1.92 17.82
N ILE D 135 -10.33 -2.04 16.70
CA ILE D 135 -9.75 -2.61 15.47
C ILE D 135 -10.02 -1.66 14.30
N GLU D 136 -9.39 -1.96 13.17
CA GLU D 136 -9.58 -1.20 11.94
C GLU D 136 -10.42 -2.00 10.95
N LYS D 137 -11.07 -1.31 10.04
CA LYS D 137 -11.89 -1.94 9.03
C LYS D 137 -11.07 -2.92 8.20
N PHE D 138 -11.68 -4.08 7.95
CA PHE D 138 -11.05 -5.22 7.28
C PHE D 138 -9.81 -5.78 7.99
N GLY D 139 -9.62 -5.41 9.25
CA GLY D 139 -8.42 -5.74 9.98
C GLY D 139 -8.42 -7.09 10.65
N MET D 140 -9.61 -7.64 10.86
CA MET D 140 -9.77 -8.85 11.65
C MET D 140 -10.88 -9.70 11.04
N PRO D 141 -10.55 -10.92 10.59
CA PRO D 141 -11.57 -11.75 9.98
C PRO D 141 -12.45 -12.42 11.04
N ALA D 142 -13.61 -12.90 10.59
CA ALA D 142 -14.63 -13.46 11.47
C ALA D 142 -14.08 -14.48 12.46
N ASP D 143 -13.21 -15.38 12.00
CA ASP D 143 -12.75 -16.47 12.86
C ASP D 143 -12.01 -15.91 14.08
N VAL D 144 -11.17 -14.90 13.84
CA VAL D 144 -10.37 -14.27 14.88
C VAL D 144 -11.26 -13.44 15.80
N LYS D 145 -12.16 -12.67 15.21
CA LYS D 145 -13.14 -11.89 15.96
C LYS D 145 -13.92 -12.76 16.93
N ASP D 146 -14.44 -13.88 16.41
CA ASP D 146 -15.26 -14.78 17.21
C ASP D 146 -14.47 -15.37 18.36
N ASN D 147 -13.23 -15.78 18.11
CA ASN D 147 -12.42 -16.35 19.17
C ASN D 147 -12.08 -15.30 20.24
N LEU D 148 -11.83 -14.07 19.82
CA LEU D 148 -11.57 -12.99 20.79
C LEU D 148 -12.83 -12.60 21.58
N THR D 149 -13.97 -12.53 20.91
CA THR D 149 -15.24 -12.24 21.58
C THR D 149 -15.55 -13.31 22.63
N LYS D 150 -15.26 -14.57 22.29
CA LYS D 150 -15.47 -15.67 23.24
C LYS D 150 -14.60 -15.55 24.50
N MET D 151 -13.47 -14.83 24.40
CA MET D 151 -12.60 -14.56 25.55
C MET D 151 -13.15 -13.45 26.45
N GLY D 152 -14.09 -12.67 25.94
CA GLY D 152 -14.66 -11.54 26.68
C GLY D 152 -14.31 -10.16 26.12
N TYR D 153 -13.62 -10.09 24.98
CA TYR D 153 -13.34 -8.80 24.36
C TYR D 153 -14.62 -8.21 23.78
N GLN D 154 -14.78 -6.91 23.97
CA GLN D 154 -15.80 -6.15 23.27
C GLN D 154 -15.10 -5.46 22.11
N ILE D 155 -15.30 -5.99 20.92
CA ILE D 155 -14.59 -5.52 19.74
C ILE D 155 -15.35 -4.40 19.06
N VAL D 156 -14.64 -3.31 18.76
N VAL D 156 -14.64 -3.30 18.78
CA VAL D 156 -15.23 -2.15 18.09
CA VAL D 156 -15.23 -2.15 18.09
C VAL D 156 -14.35 -1.71 16.92
C VAL D 156 -14.35 -1.73 16.92
N THR D 157 -14.98 -1.52 15.77
CA THR D 157 -14.29 -1.01 14.59
C THR D 157 -14.38 0.51 14.58
N LYS D 158 -13.22 1.16 14.56
CA LYS D 158 -13.11 2.61 14.60
C LYS D 158 -12.16 3.07 13.50
N PRO D 159 -12.04 4.39 13.27
CA PRO D 159 -11.17 4.88 12.22
C PRO D 159 -9.73 4.43 12.37
N VAL D 160 -8.99 4.43 11.27
CA VAL D 160 -7.63 3.94 11.28
C VAL D 160 -6.76 4.70 12.28
N MET D 161 -5.78 4.00 12.85
CA MET D 161 -4.96 4.50 13.95
C MET D 161 -3.53 4.71 13.51
N GLY D 162 -3.03 5.91 13.71
CA GLY D 162 -1.61 6.19 13.53
C GLY D 162 -1.22 6.69 12.15
N ASP D 163 0.04 7.08 12.07
CA ASP D 163 0.65 7.54 10.82
C ASP D 163 2.16 7.41 10.99
N VAL D 164 2.62 6.19 10.80
CA VAL D 164 3.98 5.83 11.08
C VAL D 164 4.89 6.17 9.89
N ASN D 165 5.99 6.84 10.19
CA ASN D 165 7.07 6.99 9.22
C ASN D 165 8.26 6.29 9.83
N ALA D 166 8.75 5.28 9.12
CA ALA D 166 9.73 4.36 9.69
C ALA D 166 10.85 4.02 8.73
N ILE D 167 12.01 3.73 9.29
CA ILE D 167 13.19 3.32 8.53
C ILE D 167 13.74 2.01 9.11
N GLN D 168 14.11 1.08 8.24
CA GLN D 168 14.87 -0.11 8.61
C GLN D 168 16.24 -0.02 7.93
N VAL D 169 17.30 -0.28 8.71
CA VAL D 169 18.67 -0.28 8.18
C VAL D 169 19.25 -1.68 8.27
N LEU D 170 19.75 -2.18 7.15
CA LEU D 170 20.36 -3.50 7.10
C LEU D 170 21.78 -3.40 6.55
N PRO D 171 22.67 -4.28 7.01
CA PRO D 171 24.06 -4.21 6.61
C PRO D 171 24.30 -4.82 5.23
N LYS D 172 25.33 -4.33 4.57
CA LYS D 172 25.87 -4.94 3.36
C LYS D 172 27.39 -4.88 3.49
N THR D 173 28.12 -5.64 2.67
CA THR D 173 29.58 -5.63 2.78
C THR D 173 30.12 -4.20 2.65
N LYS D 174 29.58 -3.44 1.70
CA LYS D 174 29.94 -2.05 1.50
C LYS D 174 28.78 -1.12 1.96
N GLY D 175 28.90 -0.59 3.17
CA GLY D 175 27.89 0.31 3.73
C GLY D 175 26.62 -0.40 4.17
N SER D 176 25.50 0.31 4.08
CA SER D 176 24.20 -0.23 4.47
C SER D 176 23.15 0.05 3.40
N VAL D 177 22.00 -0.63 3.53
CA VAL D 177 20.80 -0.33 2.77
C VAL D 177 19.76 0.21 3.75
N PHE D 178 19.10 1.28 3.32
CA PHE D 178 18.05 1.94 4.09
C PHE D 178 16.71 1.69 3.41
N TYR D 179 15.79 1.12 4.17
CA TYR D 179 14.43 0.86 3.70
C TYR D 179 13.44 1.72 4.49
N GLY D 180 12.48 2.32 3.81
CA GLY D 180 11.57 3.23 4.45
C GLY D 180 10.13 2.99 4.09
N SER D 181 9.24 3.40 4.99
CA SER D 181 7.83 3.38 4.70
C SER D 181 7.13 4.58 5.32
N THR D 182 6.29 5.22 4.52
CA THR D 182 5.26 6.08 5.05
C THR D 182 4.04 5.20 5.40
N ASP D 183 2.96 5.82 5.82
CA ASP D 183 1.78 5.06 6.30
C ASP D 183 0.62 5.29 5.32
N PRO D 184 0.01 4.20 4.81
CA PRO D 184 -1.16 4.36 3.94
C PRO D 184 -2.29 5.17 4.61
N ARG D 185 -2.31 5.19 5.94
CA ARG D 185 -3.37 5.85 6.71
C ARG D 185 -3.30 7.37 6.68
N LYS D 186 -2.16 7.92 6.26
CA LYS D 186 -1.94 9.35 6.34
C LYS D 186 -3.12 10.17 5.80
N GLU D 187 -3.63 9.81 4.62
CA GLU D 187 -4.63 10.63 3.92
C GLU D 187 -6.08 10.13 4.05
N PHE D 188 -6.37 9.36 5.11
CA PHE D 188 -7.73 8.86 5.32
C PHE D 188 -8.61 9.96 5.93
#